data_8TQ5
#
_entry.id   8TQ5
#
_cell.length_a   77.115
_cell.length_b   104.427
_cell.length_c   131.490
_cell.angle_alpha   90.000
_cell.angle_beta   90.000
_cell.angle_gamma   90.000
#
_symmetry.space_group_name_H-M   'P 21 21 21'
#
loop_
_entity.id
_entity.type
_entity.pdbx_description
1 polymer 'HLA class I histocompatibility antigen B alpha chain (HLA-B*44:05)'
2 polymer Beta-2-microglobulin
3 polymer 'MHC class II antigen'
4 polymer 'Fab DX17 H-chain'
5 polymer 'Fab DX17 L-chain'
6 non-polymer 2-acetamido-2-deoxy-beta-D-glucopyranose
7 water water
#
loop_
_entity_poly.entity_id
_entity_poly.type
_entity_poly.pdbx_seq_one_letter_code
_entity_poly.pdbx_strand_id
1 'polypeptide(L)'
;GSHSMRYFYTAMSRPGRGEPRFITVGYVDDTLFVRFDSDATSPRKEPRAPWIEQEGPEYWDRETQISKTNTQTYRENLRT
ALRYYNQSEAGSHIIQRMYGCDVGPDGRLLRGYDQYAYDGKDYIALNEDLSSWTAADTAAQITQRKWEAARVAEQDRAYL
EGLCVESLRRYLENGKETLQRADPPKTHVTHHPISDHEVTLRCWALGFYPAEITLTWQRDGEDQTQDTELVETRPAGDRT
FQKWAAVVVPSGEEQRYTCHVQHEGLPKPLTLRW
;
A
2 'polypeptide(L)'
;MIQRTPKIQVYSRHPAENGKSNFLNCYVSGFHPSDIEVDLLKNGERIEKVEHSDLSFSKDWSFYLLYYTEFTPTEKDEYA
CRVNHVTLSQPKIVKWDRDM
;
B
3 'polypeptide(L)' EEFGRAFSF P
4 'polypeptide(L)'
;QVQLKQSGPGLVQPSQSLSITCTVSGFSLTSYGLHWVRQSPGKGLEWLGVIWSGGSTDYNAAFISRLSIRKDNSKSQVFF
KMNSLQANDTAIYYCARSLTTATSAWFPYWGQGTLVTVSAAKTTPPSVYPLAPGSAAQTNSMVTLGCLVKGYFPEPVTVT
WNSGSLSSGVHTFPAVLQSDLYTLSSSVTVPSSTWPSETVTCNVAHPASSTKVDKKIVPRD
;
H
5 'polypeptide(L)'
;SIVMTQTPKFLLVSAGDRVTITCKASQTVSNDVTWYQQKPGQSPKLLIYYASNRYTGVPDRFTGSGYGTDFTFTINTVQA
EDLAVYFCQQDYSSPFTFGSGTKLEKKRADAAPTVSIFPPSSEQLTSGGASVVCFLNNFYPKDINVKWKIDGSERQNGVL
NSWTDQDSKDSTYSMSSTLTLTKDEYERHNSYTCEATHKTSTSPIVKSFNRNEC
;
L
#
loop_
_chem_comp.id
_chem_comp.type
_chem_comp.name
_chem_comp.formula
NAG D-saccharide, beta linking 2-acetamido-2-deoxy-beta-D-glucopyranose 'C8 H15 N O6'
#
# COMPACT_ATOMS: atom_id res chain seq x y z
N GLY A 1 16.50 -33.24 -3.87
CA GLY A 1 15.49 -33.02 -2.85
C GLY A 1 14.07 -33.03 -3.39
N SER A 2 13.30 -32.02 -3.01
CA SER A 2 11.90 -31.93 -3.42
C SER A 2 11.79 -31.47 -4.87
N HIS A 3 10.74 -31.93 -5.54
CA HIS A 3 10.49 -31.60 -6.94
C HIS A 3 9.02 -31.26 -7.11
N SER A 4 8.68 -30.74 -8.28
CA SER A 4 7.34 -30.23 -8.52
C SER A 4 6.95 -30.47 -9.97
N MET A 5 5.64 -30.53 -10.20
CA MET A 5 5.06 -30.55 -11.54
C MET A 5 3.83 -29.67 -11.54
N ARG A 6 3.71 -28.82 -12.57
CA ARG A 6 2.65 -27.82 -12.62
C ARG A 6 2.13 -27.68 -14.04
N TYR A 7 0.83 -27.42 -14.15
CA TYR A 7 0.18 -27.05 -15.40
C TYR A 7 -0.52 -25.71 -15.21
N PHE A 8 -0.33 -24.83 -16.20
CA PHE A 8 -0.89 -23.48 -16.22
C PHE A 8 -1.81 -23.35 -17.42
N TYR A 9 -3.10 -23.09 -17.15
CA TYR A 9 -4.10 -22.78 -18.17
C TYR A 9 -4.37 -21.28 -18.18
N THR A 10 -4.50 -20.73 -19.38
CA THR A 10 -5.00 -19.37 -19.58
C THR A 10 -6.05 -19.39 -20.68
N ALA A 11 -7.26 -18.94 -20.35
CA ALA A 11 -8.35 -18.81 -21.31
C ALA A 11 -8.75 -17.34 -21.38
N MET A 12 -8.71 -16.78 -22.59
CA MET A 12 -8.96 -15.36 -22.81
C MET A 12 -10.05 -15.20 -23.85
N SER A 13 -11.21 -14.70 -23.43
CA SER A 13 -12.26 -14.34 -24.36
C SER A 13 -11.92 -13.03 -25.06
N ARG A 14 -12.42 -12.89 -26.29
CA ARG A 14 -12.09 -11.72 -27.12
C ARG A 14 -13.24 -11.48 -28.07
N PRO A 15 -14.24 -10.69 -27.65
CA PRO A 15 -15.40 -10.46 -28.50
C PRO A 15 -15.03 -9.72 -29.78
N GLY A 16 -15.53 -10.23 -30.91
CA GLY A 16 -15.24 -9.65 -32.20
C GLY A 16 -13.88 -10.00 -32.77
N ARG A 17 -13.08 -10.81 -32.06
CA ARG A 17 -11.76 -11.21 -32.54
C ARG A 17 -11.64 -12.73 -32.56
N GLY A 18 -12.74 -13.43 -32.75
CA GLY A 18 -12.77 -14.88 -32.76
C GLY A 18 -13.15 -15.46 -31.42
N GLU A 19 -13.30 -16.79 -31.40
CA GLU A 19 -13.61 -17.48 -30.17
C GLU A 19 -12.48 -17.32 -29.16
N PRO A 20 -12.77 -17.52 -27.87
CA PRO A 20 -11.72 -17.38 -26.85
C PRO A 20 -10.54 -18.29 -27.10
N ARG A 21 -9.35 -17.79 -26.77
CA ARG A 21 -8.10 -18.51 -26.97
C ARG A 21 -7.70 -19.23 -25.69
N PHE A 22 -7.13 -20.43 -25.84
CA PHE A 22 -6.76 -21.28 -24.72
C PHE A 22 -5.29 -21.69 -24.87
N ILE A 23 -4.53 -21.52 -23.79
CA ILE A 23 -3.10 -21.84 -23.77
C ILE A 23 -2.82 -22.67 -22.52
N THR A 24 -1.98 -23.71 -22.67
CA THR A 24 -1.56 -24.53 -21.55
C THR A 24 -0.05 -24.73 -21.63
N VAL A 25 0.63 -24.56 -20.49
CA VAL A 25 2.04 -24.89 -20.39
C VAL A 25 2.26 -25.82 -19.21
N GLY A 26 3.26 -26.68 -19.34
CA GLY A 26 3.60 -27.64 -18.30
C GLY A 26 5.05 -27.50 -17.88
N TYR A 27 5.28 -27.56 -16.58
CA TYR A 27 6.61 -27.40 -16.00
C TYR A 27 6.94 -28.57 -15.09
N VAL A 28 8.16 -29.06 -15.18
CA VAL A 28 8.78 -29.88 -14.15
C VAL A 28 9.90 -29.05 -13.54
N ASP A 29 9.76 -28.72 -12.25
CA ASP A 29 10.63 -27.76 -11.57
C ASP A 29 10.60 -26.48 -12.39
N ASP A 30 11.74 -25.89 -12.75
CA ASP A 30 11.78 -24.68 -13.54
C ASP A 30 11.99 -24.96 -15.03
N THR A 31 11.62 -26.15 -15.49
CA THR A 31 11.84 -26.55 -16.88
C THR A 31 10.50 -26.75 -17.58
N LEU A 32 10.24 -25.91 -18.59
CA LEU A 32 9.08 -26.11 -19.45
C LEU A 32 9.26 -27.34 -20.31
N PHE A 33 8.19 -28.14 -20.42
CA PHE A 33 8.31 -29.35 -21.23
C PHE A 33 7.13 -29.65 -22.15
N VAL A 34 6.02 -28.92 -22.07
CA VAL A 34 4.87 -29.18 -22.93
C VAL A 34 4.11 -27.88 -23.11
N ARG A 35 3.51 -27.71 -24.29
CA ARG A 35 2.79 -26.48 -24.62
C ARG A 35 1.60 -26.82 -25.51
N PHE A 36 0.62 -25.91 -25.53
CA PHE A 36 -0.52 -26.01 -26.42
C PHE A 36 -1.11 -24.62 -26.60
N ASP A 37 -1.53 -24.32 -27.83
CA ASP A 37 -2.22 -23.07 -28.14
C ASP A 37 -3.38 -23.39 -29.07
N SER A 38 -4.59 -23.03 -28.65
CA SER A 38 -5.78 -23.27 -29.48
C SER A 38 -5.74 -22.48 -30.79
N ASP A 39 -4.98 -21.40 -30.84
CA ASP A 39 -4.86 -20.59 -32.05
C ASP A 39 -3.93 -21.22 -33.09
N ALA A 40 -3.29 -22.34 -32.78
CA ALA A 40 -2.46 -23.03 -33.76
C ALA A 40 -3.30 -23.53 -34.92
N THR A 41 -2.65 -23.74 -36.06
CA THR A 41 -3.34 -24.20 -37.25
C THR A 41 -4.02 -25.54 -37.02
N SER A 42 -3.23 -26.57 -36.70
CA SER A 42 -3.73 -27.85 -36.23
C SER A 42 -3.29 -27.99 -34.77
N PRO A 43 -4.10 -27.56 -33.81
CA PRO A 43 -3.65 -27.48 -32.42
C PRO A 43 -3.29 -28.85 -31.86
N ARG A 44 -2.10 -28.94 -31.26
CA ARG A 44 -1.62 -30.18 -30.67
C ARG A 44 -0.70 -29.84 -29.51
N LYS A 45 -0.56 -30.79 -28.59
CA LYS A 45 0.41 -30.65 -27.50
C LYS A 45 1.80 -30.98 -28.02
N GLU A 46 2.73 -30.05 -27.84
CA GLU A 46 4.04 -30.20 -28.44
C GLU A 46 5.12 -30.29 -27.37
N PRO A 47 6.21 -31.03 -27.65
CA PRO A 47 7.29 -31.13 -26.67
C PRO A 47 8.13 -29.85 -26.64
N ARG A 48 8.70 -29.58 -25.47
CA ARG A 48 9.61 -28.46 -25.31
C ARG A 48 10.86 -28.84 -24.52
N ALA A 49 11.04 -30.11 -24.20
CA ALA A 49 12.23 -30.63 -23.55
C ALA A 49 12.61 -31.96 -24.20
N PRO A 50 13.89 -32.27 -24.27
CA PRO A 50 14.30 -33.51 -24.97
C PRO A 50 13.77 -34.78 -24.33
N TRP A 51 13.73 -34.83 -22.99
CA TRP A 51 13.36 -36.06 -22.30
C TRP A 51 11.88 -36.38 -22.37
N ILE A 52 11.04 -35.44 -22.82
CA ILE A 52 9.62 -35.72 -23.00
C ILE A 52 9.30 -36.24 -24.40
N GLU A 53 10.26 -36.19 -25.32
CA GLU A 53 10.03 -36.68 -26.67
C GLU A 53 9.96 -38.20 -26.73
N GLN A 54 10.51 -38.90 -25.74
CA GLN A 54 10.47 -40.36 -25.75
C GLN A 54 9.06 -40.91 -25.59
N GLU A 55 8.11 -40.09 -25.16
CA GLU A 55 6.72 -40.53 -25.08
C GLU A 55 6.20 -40.88 -26.47
N GLY A 56 5.57 -42.05 -26.59
CA GLY A 56 5.07 -42.52 -27.86
C GLY A 56 3.94 -41.67 -28.40
N PRO A 57 3.34 -42.10 -29.50
CA PRO A 57 2.26 -41.30 -30.10
C PRO A 57 1.03 -41.19 -29.21
N GLU A 58 0.57 -42.33 -28.66
CA GLU A 58 -0.66 -42.35 -27.87
C GLU A 58 -0.67 -41.28 -26.79
N TYR A 59 0.50 -41.02 -26.19
CA TYR A 59 0.63 -39.97 -25.20
C TYR A 59 0.27 -38.61 -25.80
N TRP A 60 0.80 -38.33 -27.00
CA TRP A 60 0.59 -37.03 -27.61
C TRP A 60 -0.86 -36.87 -28.09
N ASP A 61 -1.44 -37.93 -28.66
CA ASP A 61 -2.85 -37.84 -29.04
C ASP A 61 -3.75 -37.66 -27.82
N ARG A 62 -3.45 -38.35 -26.72
CA ARG A 62 -4.24 -38.21 -25.51
C ARG A 62 -4.15 -36.81 -24.95
N GLU A 63 -2.93 -36.26 -24.85
CA GLU A 63 -2.76 -34.92 -24.33
C GLU A 63 -3.42 -33.88 -25.24
N THR A 64 -3.32 -34.06 -26.56
CA THR A 64 -3.96 -33.14 -27.49
C THR A 64 -5.48 -33.18 -27.34
N GLN A 65 -6.05 -34.38 -27.19
CA GLN A 65 -7.49 -34.49 -26.96
C GLN A 65 -7.90 -33.80 -25.66
N ILE A 66 -7.11 -34.00 -24.60
CA ILE A 66 -7.35 -33.30 -23.34
C ILE A 66 -7.38 -31.80 -23.57
N SER A 67 -6.44 -31.29 -24.38
CA SER A 67 -6.33 -29.85 -24.57
C SER A 67 -7.48 -29.30 -25.41
N LYS A 68 -7.96 -30.05 -26.41
CA LYS A 68 -9.10 -29.57 -27.19
C LYS A 68 -10.38 -29.56 -26.36
N THR A 69 -10.61 -30.64 -25.60
CA THR A 69 -11.75 -30.66 -24.69
C THR A 69 -11.65 -29.53 -23.67
N ASN A 70 -10.44 -29.24 -23.21
CA ASN A 70 -10.24 -28.12 -22.29
C ASN A 70 -10.55 -26.79 -22.95
N THR A 71 -10.17 -26.63 -24.22
CA THR A 71 -10.54 -25.44 -24.97
C THR A 71 -12.05 -25.23 -24.92
N GLN A 72 -12.81 -26.25 -25.32
CA GLN A 72 -14.27 -26.09 -25.36
C GLN A 72 -14.84 -25.83 -23.96
N THR A 73 -14.40 -26.60 -22.96
CA THR A 73 -14.98 -26.47 -21.63
C THR A 73 -14.62 -25.14 -20.97
N TYR A 74 -13.48 -24.55 -21.34
CA TYR A 74 -13.14 -23.25 -20.77
C TYR A 74 -13.75 -22.09 -21.53
N ARG A 75 -14.06 -22.25 -22.82
CA ARG A 75 -14.98 -21.31 -23.46
C ARG A 75 -16.32 -21.29 -22.73
N GLU A 76 -16.85 -22.48 -22.41
CA GLU A 76 -18.09 -22.54 -21.65
C GLU A 76 -17.92 -21.96 -20.26
N ASN A 77 -16.75 -22.14 -19.65
CA ASN A 77 -16.48 -21.56 -18.34
C ASN A 77 -16.47 -20.04 -18.40
N LEU A 78 -15.92 -19.47 -19.47
CA LEU A 78 -15.95 -18.02 -19.64
C LEU A 78 -17.38 -17.52 -19.79
N ARG A 79 -18.19 -18.23 -20.58
CA ARG A 79 -19.60 -17.85 -20.69
C ARG A 79 -20.30 -17.89 -19.32
N THR A 80 -20.06 -18.97 -18.57
CA THR A 80 -20.65 -19.10 -17.24
C THR A 80 -20.20 -17.98 -16.31
N ALA A 81 -18.93 -17.60 -16.40
CA ALA A 81 -18.43 -16.50 -15.58
C ALA A 81 -19.11 -15.19 -15.94
N LEU A 82 -19.24 -14.90 -17.24
CA LEU A 82 -19.95 -13.70 -17.66
C LEU A 82 -21.40 -13.71 -17.18
N ARG A 83 -22.00 -14.89 -17.08
CA ARG A 83 -23.37 -14.97 -16.56
C ARG A 83 -23.41 -14.70 -15.06
N TYR A 84 -22.43 -15.24 -14.32
CA TYR A 84 -22.46 -15.14 -12.86
C TYR A 84 -22.34 -13.70 -12.39
N TYR A 85 -21.51 -12.90 -13.06
CA TYR A 85 -21.25 -11.53 -12.65
C TYR A 85 -22.11 -10.52 -13.40
N ASN A 86 -23.06 -10.97 -14.21
CA ASN A 86 -23.93 -10.09 -14.98
C ASN A 86 -23.11 -9.10 -15.81
N GLN A 87 -22.04 -9.59 -16.41
CA GLN A 87 -21.14 -8.76 -17.20
C GLN A 87 -21.54 -8.80 -18.68
N SER A 88 -21.06 -7.80 -19.41
CA SER A 88 -21.42 -7.65 -20.82
C SER A 88 -20.61 -8.61 -21.69
N GLU A 89 -21.23 -9.02 -22.80
CA GLU A 89 -20.59 -9.94 -23.75
C GLU A 89 -19.60 -9.24 -24.67
N ALA A 90 -19.40 -7.94 -24.51
CA ALA A 90 -18.47 -7.18 -25.35
C ALA A 90 -17.09 -7.01 -24.73
N GLY A 91 -16.91 -7.39 -23.46
CA GLY A 91 -15.65 -7.24 -22.78
C GLY A 91 -14.83 -8.51 -22.77
N SER A 92 -13.51 -8.35 -22.68
CA SER A 92 -12.59 -9.47 -22.64
C SER A 92 -12.32 -9.88 -21.20
N HIS A 93 -12.36 -11.18 -20.93
CA HIS A 93 -12.15 -11.71 -19.59
C HIS A 93 -11.20 -12.89 -19.65
N ILE A 94 -10.57 -13.17 -18.52
CA ILE A 94 -9.50 -14.17 -18.44
C ILE A 94 -9.79 -15.12 -17.28
N ILE A 95 -9.74 -16.42 -17.57
CA ILE A 95 -9.73 -17.46 -16.53
C ILE A 95 -8.35 -18.09 -16.52
N GLN A 96 -7.78 -18.24 -15.34
CA GLN A 96 -6.48 -18.88 -15.18
C GLN A 96 -6.59 -20.07 -14.24
N ARG A 97 -5.74 -21.06 -14.45
CA ARG A 97 -5.72 -22.24 -13.57
C ARG A 97 -4.30 -22.74 -13.37
N MET A 98 -3.94 -22.97 -12.12
CA MET A 98 -2.68 -23.64 -11.76
C MET A 98 -3.01 -24.94 -11.06
N TYR A 99 -2.39 -26.04 -11.49
CA TYR A 99 -2.58 -27.25 -10.71
C TYR A 99 -1.38 -28.16 -10.84
N GLY A 100 -1.25 -29.08 -9.90
CA GLY A 100 -0.15 -30.03 -9.93
C GLY A 100 0.25 -30.46 -8.53
N CYS A 101 1.47 -30.98 -8.45
CA CYS A 101 1.88 -31.70 -7.25
C CYS A 101 3.34 -31.44 -6.92
N ASP A 102 3.63 -31.33 -5.61
CA ASP A 102 4.97 -31.25 -5.07
C ASP A 102 5.28 -32.56 -4.35
N VAL A 103 6.41 -33.16 -4.69
CA VAL A 103 6.87 -34.41 -4.10
C VAL A 103 8.16 -34.15 -3.33
N GLY A 104 8.39 -34.96 -2.30
CA GLY A 104 9.58 -34.86 -1.49
C GLY A 104 10.69 -35.75 -2.03
N PRO A 105 11.78 -35.88 -1.26
CA PRO A 105 12.92 -36.67 -1.74
C PRO A 105 12.59 -38.14 -1.95
N ASP A 106 11.61 -38.68 -1.22
CA ASP A 106 11.23 -40.07 -1.38
C ASP A 106 10.40 -40.33 -2.63
N GLY A 107 9.98 -39.27 -3.33
CA GLY A 107 9.22 -39.42 -4.56
C GLY A 107 7.72 -39.56 -4.39
N ARG A 108 7.21 -39.41 -3.17
CA ARG A 108 5.77 -39.49 -2.94
C ARG A 108 5.20 -38.09 -2.72
N LEU A 109 3.88 -38.01 -2.75
CA LEU A 109 3.20 -36.72 -2.71
C LEU A 109 3.51 -35.99 -1.41
N LEU A 110 3.89 -34.72 -1.54
CA LEU A 110 4.07 -33.83 -0.40
C LEU A 110 3.00 -32.76 -0.32
N ARG A 111 2.49 -32.29 -1.45
CA ARG A 111 1.44 -31.29 -1.46
C ARG A 111 0.75 -31.28 -2.83
N GLY A 112 -0.55 -30.98 -2.82
CA GLY A 112 -1.30 -30.86 -4.05
C GLY A 112 -1.87 -29.48 -4.25
N TYR A 113 -2.15 -29.10 -5.51
CA TYR A 113 -2.68 -27.77 -5.80
C TYR A 113 -3.66 -27.84 -6.97
N ASP A 114 -4.77 -27.11 -6.84
CA ASP A 114 -5.66 -26.82 -7.96
C ASP A 114 -6.37 -25.51 -7.66
N GLN A 115 -5.91 -24.42 -8.26
CA GLN A 115 -6.44 -23.08 -8.02
C GLN A 115 -6.87 -22.45 -9.33
N TYR A 116 -7.94 -21.67 -9.27
CA TYR A 116 -8.52 -20.99 -10.42
C TYR A 116 -8.73 -19.52 -10.08
N ALA A 117 -8.41 -18.65 -11.02
CA ALA A 117 -8.56 -17.22 -10.89
C ALA A 117 -9.40 -16.67 -12.04
N TYR A 118 -10.08 -15.56 -11.78
CA TYR A 118 -10.88 -14.87 -12.79
C TYR A 118 -10.50 -13.39 -12.82
N ASP A 119 -10.13 -12.90 -14.00
CA ASP A 119 -9.74 -11.50 -14.19
C ASP A 119 -8.61 -11.10 -13.24
N GLY A 120 -7.70 -12.03 -12.95
CA GLY A 120 -6.53 -11.75 -12.15
C GLY A 120 -6.70 -11.96 -10.66
N LYS A 121 -7.93 -12.16 -10.18
CA LYS A 121 -8.19 -12.37 -8.77
C LYS A 121 -8.56 -13.83 -8.52
N ASP A 122 -8.23 -14.31 -7.32
CA ASP A 122 -8.58 -15.68 -6.94
C ASP A 122 -10.07 -15.91 -7.14
N TYR A 123 -10.39 -17.04 -7.76
CA TYR A 123 -11.78 -17.47 -7.89
C TYR A 123 -12.10 -18.61 -6.94
N ILE A 124 -11.43 -19.75 -7.07
CA ILE A 124 -11.66 -20.88 -6.17
C ILE A 124 -10.39 -21.72 -6.09
N ALA A 125 -10.05 -22.16 -4.89
CA ALA A 125 -8.84 -22.94 -4.70
C ALA A 125 -9.15 -24.22 -3.96
N LEU A 126 -8.32 -25.24 -4.17
CA LEU A 126 -8.42 -26.49 -3.44
C LEU A 126 -7.54 -26.40 -2.20
N ASN A 127 -8.15 -26.61 -1.04
CA ASN A 127 -7.43 -26.46 0.22
C ASN A 127 -6.36 -27.55 0.36
N GLU A 128 -5.53 -27.37 1.38
CA GLU A 128 -4.42 -28.29 1.62
C GLU A 128 -4.88 -29.72 1.86
N ASP A 129 -6.05 -29.89 2.47
CA ASP A 129 -6.52 -31.23 2.83
C ASP A 129 -6.90 -32.09 1.64
N LEU A 130 -6.88 -31.55 0.42
CA LEU A 130 -7.28 -32.27 -0.80
C LEU A 130 -8.71 -32.78 -0.70
N SER A 131 -9.59 -32.02 -0.04
CA SER A 131 -10.95 -32.51 0.19
C SER A 131 -11.96 -31.37 0.37
N SER A 132 -11.49 -30.13 0.44
CA SER A 132 -12.37 -28.98 0.61
C SER A 132 -11.90 -27.85 -0.28
N TRP A 133 -12.80 -26.89 -0.50
CA TRP A 133 -12.56 -25.76 -1.38
C TRP A 133 -12.62 -24.45 -0.61
N THR A 134 -11.88 -23.46 -1.10
CA THR A 134 -11.95 -22.08 -0.61
C THR A 134 -12.45 -21.20 -1.74
N ALA A 135 -13.58 -20.53 -1.52
CA ALA A 135 -14.21 -19.69 -2.51
C ALA A 135 -13.96 -18.22 -2.22
N ALA A 136 -13.86 -17.43 -3.27
CA ALA A 136 -13.50 -16.02 -3.13
C ALA A 136 -14.71 -15.10 -2.99
N ASP A 137 -15.85 -15.46 -3.55
CA ASP A 137 -17.04 -14.60 -3.46
C ASP A 137 -18.28 -15.47 -3.64
N THR A 138 -19.41 -14.84 -3.92
CA THR A 138 -20.68 -15.56 -4.01
C THR A 138 -20.74 -16.43 -5.26
N ALA A 139 -20.30 -15.91 -6.40
CA ALA A 139 -20.23 -16.72 -7.61
C ALA A 139 -19.33 -17.93 -7.43
N ALA A 140 -18.17 -17.71 -6.78
CA ALA A 140 -17.30 -18.82 -6.43
C ALA A 140 -18.01 -19.79 -5.50
N GLN A 141 -18.93 -19.31 -4.66
CA GLN A 141 -19.68 -20.20 -3.79
C GLN A 141 -20.66 -21.06 -4.59
N ILE A 142 -21.26 -20.48 -5.64
CA ILE A 142 -22.09 -21.29 -6.54
C ILE A 142 -21.26 -22.39 -7.17
N THR A 143 -20.09 -22.03 -7.70
CA THR A 143 -19.19 -23.04 -8.27
C THR A 143 -18.80 -24.10 -7.24
N GLN A 144 -18.53 -23.67 -6.01
CA GLN A 144 -18.12 -24.60 -4.95
C GLN A 144 -19.23 -25.57 -4.62
N ARG A 145 -20.46 -25.09 -4.56
CA ARG A 145 -21.59 -25.99 -4.29
C ARG A 145 -21.76 -26.98 -5.43
N LYS A 146 -21.67 -26.51 -6.69
CA LYS A 146 -21.73 -27.41 -7.82
C LYS A 146 -20.65 -28.48 -7.76
N TRP A 147 -19.46 -28.11 -7.31
CA TRP A 147 -18.33 -29.04 -7.34
C TRP A 147 -18.35 -30.01 -6.17
N GLU A 148 -18.75 -29.55 -4.97
CA GLU A 148 -18.83 -30.45 -3.83
C GLU A 148 -20.06 -31.36 -3.91
N ALA A 149 -21.11 -30.95 -4.62
CA ALA A 149 -22.18 -31.87 -4.92
C ALA A 149 -21.79 -32.89 -5.98
N ALA A 150 -20.81 -32.57 -6.81
CA ALA A 150 -20.32 -33.49 -7.84
C ALA A 150 -19.11 -34.29 -7.39
N ARG A 151 -18.65 -34.10 -6.15
CA ARG A 151 -17.55 -34.88 -5.57
C ARG A 151 -16.26 -34.68 -6.37
N VAL A 152 -15.97 -33.42 -6.69
CA VAL A 152 -14.79 -33.10 -7.51
C VAL A 152 -13.51 -33.26 -6.70
N ALA A 153 -13.55 -32.92 -5.41
CA ALA A 153 -12.33 -32.95 -4.61
C ALA A 153 -11.72 -34.34 -4.56
N GLU A 154 -12.56 -35.39 -4.55
CA GLU A 154 -12.02 -36.74 -4.47
C GLU A 154 -11.33 -37.14 -5.77
N GLN A 155 -11.87 -36.74 -6.93
CA GLN A 155 -11.22 -37.07 -8.18
C GLN A 155 -9.91 -36.28 -8.33
N ASP A 156 -9.91 -35.02 -7.91
CA ASP A 156 -8.66 -34.25 -7.86
C ASP A 156 -7.65 -34.94 -6.97
N ARG A 157 -8.07 -35.44 -5.80
CA ARG A 157 -7.17 -36.12 -4.89
C ARG A 157 -6.63 -37.40 -5.53
N ALA A 158 -7.49 -38.15 -6.21
CA ALA A 158 -7.05 -39.37 -6.88
C ALA A 158 -6.00 -39.07 -7.94
N TYR A 159 -6.20 -38.00 -8.71
CA TYR A 159 -5.20 -37.65 -9.73
C TYR A 159 -3.90 -37.20 -9.08
N LEU A 160 -3.98 -36.31 -8.09
CA LEU A 160 -2.78 -35.73 -7.50
C LEU A 160 -1.96 -36.77 -6.75
N GLU A 161 -2.63 -37.69 -6.05
CA GLU A 161 -1.91 -38.76 -5.37
C GLU A 161 -1.42 -39.84 -6.32
N GLY A 162 -2.00 -39.94 -7.51
CA GLY A 162 -1.66 -41.00 -8.43
C GLY A 162 -0.89 -40.54 -9.66
N LEU A 163 -1.62 -40.29 -10.76
CA LEU A 163 -0.97 -40.04 -12.06
C LEU A 163 0.03 -38.88 -11.98
N CYS A 164 -0.28 -37.85 -11.20
CA CYS A 164 0.64 -36.72 -11.06
C CYS A 164 2.01 -37.20 -10.58
N VAL A 165 2.04 -37.90 -9.45
CA VAL A 165 3.29 -38.32 -8.85
C VAL A 165 4.02 -39.33 -9.73
N GLU A 166 3.29 -40.30 -10.27
CA GLU A 166 3.92 -41.33 -11.10
C GLU A 166 4.54 -40.72 -12.34
N SER A 167 3.79 -39.87 -13.05
CA SER A 167 4.32 -39.26 -14.25
C SER A 167 5.47 -38.30 -13.93
N LEU A 168 5.42 -37.62 -12.78
CA LEU A 168 6.54 -36.76 -12.41
C LEU A 168 7.80 -37.57 -12.14
N ARG A 169 7.65 -38.72 -11.46
CA ARG A 169 8.82 -39.55 -11.21
C ARG A 169 9.38 -40.13 -12.51
N ARG A 170 8.50 -40.48 -13.45
CA ARG A 170 8.96 -40.95 -14.75
C ARG A 170 9.72 -39.84 -15.49
N TYR A 171 9.19 -38.61 -15.45
CA TYR A 171 9.88 -37.50 -16.09
C TYR A 171 11.23 -37.25 -15.44
N LEU A 172 11.31 -37.39 -14.11
CA LEU A 172 12.57 -37.19 -13.41
C LEU A 172 13.59 -38.26 -13.76
N GLU A 173 13.13 -39.50 -14.00
CA GLU A 173 14.07 -40.52 -14.41
C GLU A 173 14.52 -40.31 -15.86
N ASN A 174 13.58 -39.96 -16.75
CA ASN A 174 13.91 -39.77 -18.15
C ASN A 174 14.84 -38.58 -18.38
N GLY A 175 14.70 -37.53 -17.56
CA GLY A 175 15.55 -36.37 -17.69
C GLY A 175 16.48 -36.19 -16.52
N LYS A 176 16.97 -37.29 -15.96
CA LYS A 176 17.78 -37.23 -14.74
C LYS A 176 19.06 -36.43 -14.95
N GLU A 177 19.57 -36.39 -16.19
CA GLU A 177 20.84 -35.73 -16.43
C GLU A 177 20.72 -34.21 -16.44
N THR A 178 19.53 -33.67 -16.66
CA THR A 178 19.29 -32.23 -16.59
C THR A 178 18.41 -31.83 -15.41
N LEU A 179 17.37 -32.60 -15.11
CA LEU A 179 16.44 -32.21 -14.06
C LEU A 179 17.02 -32.45 -12.67
N GLN A 180 17.94 -33.40 -12.54
CA GLN A 180 18.53 -33.74 -11.24
C GLN A 180 19.98 -33.32 -11.12
N ARG A 181 20.51 -32.61 -12.11
CA ARG A 181 21.84 -32.02 -12.02
C ARG A 181 21.70 -30.53 -11.75
N ALA A 182 22.33 -30.06 -10.67
CA ALA A 182 22.26 -28.65 -10.30
C ALA A 182 23.41 -27.90 -10.97
N ASP A 183 23.06 -26.87 -11.73
CA ASP A 183 24.06 -26.05 -12.41
C ASP A 183 24.45 -24.90 -11.50
N PRO A 184 25.66 -24.87 -10.96
CA PRO A 184 26.05 -23.80 -10.04
C PRO A 184 26.20 -22.47 -10.77
N PRO A 185 26.03 -21.35 -10.08
CA PRO A 185 26.19 -20.05 -10.74
C PRO A 185 27.65 -19.74 -11.01
N LYS A 186 27.90 -19.14 -12.17
CA LYS A 186 29.18 -18.51 -12.45
C LYS A 186 29.07 -17.05 -12.04
N THR A 187 29.95 -16.61 -11.15
CA THR A 187 29.83 -15.33 -10.49
C THR A 187 31.01 -14.43 -10.80
N HIS A 188 30.74 -13.14 -10.90
CA HIS A 188 31.81 -12.15 -10.99
C HIS A 188 31.30 -10.81 -10.48
N VAL A 189 32.22 -9.85 -10.33
CA VAL A 189 31.90 -8.55 -9.75
C VAL A 189 32.42 -7.46 -10.68
N THR A 190 31.55 -6.50 -11.01
CA THR A 190 31.92 -5.34 -11.81
C THR A 190 31.85 -4.07 -10.98
N HIS A 191 32.75 -3.14 -11.29
CA HIS A 191 32.85 -1.85 -10.65
C HIS A 191 32.44 -0.76 -11.64
N HIS A 192 31.61 0.18 -11.18
CA HIS A 192 31.20 1.28 -12.04
C HIS A 192 31.21 2.58 -11.25
N PRO A 193 32.17 3.47 -11.48
CA PRO A 193 32.16 4.77 -10.79
C PRO A 193 30.90 5.56 -11.14
N ILE A 194 30.07 5.78 -10.13
CA ILE A 194 28.88 6.61 -10.31
C ILE A 194 29.21 8.09 -10.11
N SER A 195 30.20 8.39 -9.28
CA SER A 195 30.71 9.74 -9.11
C SER A 195 32.19 9.64 -8.79
N ASP A 196 32.76 10.71 -8.23
CA ASP A 196 34.14 10.69 -7.81
C ASP A 196 34.33 10.09 -6.41
N HIS A 197 33.25 9.93 -5.65
CA HIS A 197 33.32 9.45 -4.28
C HIS A 197 32.52 8.17 -4.05
N GLU A 198 31.73 7.73 -5.01
CA GLU A 198 30.95 6.50 -4.87
C GLU A 198 31.15 5.62 -6.10
N VAL A 199 31.07 4.31 -5.90
CA VAL A 199 31.17 3.34 -6.98
C VAL A 199 30.11 2.27 -6.77
N THR A 200 29.48 1.84 -7.87
CA THR A 200 28.50 0.77 -7.84
C THR A 200 29.22 -0.56 -8.04
N LEU A 201 29.06 -1.47 -7.08
CA LEU A 201 29.55 -2.83 -7.18
C LEU A 201 28.38 -3.73 -7.54
N ARG A 202 28.51 -4.47 -8.64
CA ARG A 202 27.46 -5.36 -9.10
C ARG A 202 27.98 -6.78 -9.13
N CYS A 203 27.35 -7.66 -8.36
CA CYS A 203 27.68 -9.08 -8.28
C CYS A 203 26.73 -9.85 -9.19
N TRP A 204 27.31 -10.61 -10.12
CA TRP A 204 26.60 -11.35 -11.15
C TRP A 204 26.65 -12.84 -10.84
N ALA A 205 25.49 -13.50 -10.95
CA ALA A 205 25.37 -14.94 -10.98
C ALA A 205 24.67 -15.32 -12.27
N LEU A 206 25.32 -16.18 -13.07
CA LEU A 206 24.83 -16.53 -14.39
C LEU A 206 24.83 -18.04 -14.58
N GLY A 207 23.88 -18.52 -15.37
CA GLY A 207 23.91 -19.89 -15.83
C GLY A 207 23.60 -20.93 -14.77
N PHE A 208 22.75 -20.60 -13.80
CA PHE A 208 22.43 -21.53 -12.74
C PHE A 208 21.04 -22.13 -12.93
N TYR A 209 20.87 -23.35 -12.41
CA TYR A 209 19.61 -24.07 -12.42
C TYR A 209 19.61 -24.94 -11.16
N PRO A 210 18.49 -24.98 -10.41
CA PRO A 210 17.21 -24.30 -10.63
C PRO A 210 17.27 -22.80 -10.32
N ALA A 211 16.13 -22.12 -10.37
CA ALA A 211 16.12 -20.66 -10.26
C ALA A 211 16.33 -20.17 -8.84
N GLU A 212 16.08 -21.00 -7.83
CA GLU A 212 16.23 -20.57 -6.45
C GLU A 212 17.68 -20.22 -6.15
N ILE A 213 17.90 -18.99 -5.65
CA ILE A 213 19.24 -18.51 -5.37
C ILE A 213 19.13 -17.37 -4.38
N THR A 214 20.19 -17.17 -3.58
CA THR A 214 20.25 -16.04 -2.66
C THR A 214 21.56 -15.31 -2.89
N LEU A 215 21.47 -14.01 -3.19
CA LEU A 215 22.62 -13.15 -3.46
C LEU A 215 22.63 -12.02 -2.43
N THR A 216 23.67 -11.96 -1.61
CA THR A 216 23.76 -10.89 -0.63
C THR A 216 25.13 -10.22 -0.67
N TRP A 217 25.13 -8.90 -0.47
CA TRP A 217 26.37 -8.16 -0.29
C TRP A 217 26.69 -8.08 1.20
N GLN A 218 27.95 -8.26 1.55
CA GLN A 218 28.40 -8.17 2.93
C GLN A 218 29.51 -7.15 3.04
N ARG A 219 29.43 -6.32 4.08
CA ARG A 219 30.44 -5.31 4.41
C ARG A 219 31.01 -5.68 5.77
N ASP A 220 32.29 -6.05 5.80
CA ASP A 220 32.94 -6.54 7.03
C ASP A 220 32.16 -7.69 7.63
N GLY A 221 31.67 -8.58 6.77
CA GLY A 221 30.90 -9.73 7.21
C GLY A 221 29.49 -9.45 7.67
N GLU A 222 28.97 -8.25 7.39
CA GLU A 222 27.63 -7.86 7.82
C GLU A 222 26.72 -7.70 6.60
N ASP A 223 25.58 -8.36 6.63
CA ASP A 223 24.65 -8.31 5.51
C ASP A 223 24.21 -6.88 5.21
N GLN A 224 24.26 -6.51 3.94
CA GLN A 224 23.84 -5.19 3.48
C GLN A 224 22.49 -5.24 2.76
N THR A 225 21.53 -5.98 3.32
CA THR A 225 20.25 -6.15 2.62
C THR A 225 19.48 -4.85 2.51
N GLN A 226 19.64 -3.94 3.48
CA GLN A 226 18.97 -2.66 3.41
C GLN A 226 19.49 -1.78 2.27
N ASP A 227 20.72 -2.02 1.82
CA ASP A 227 21.38 -1.15 0.85
C ASP A 227 21.57 -1.81 -0.50
N THR A 228 21.12 -3.05 -0.68
CA THR A 228 21.35 -3.82 -1.90
C THR A 228 20.17 -3.69 -2.84
N GLU A 229 20.46 -3.40 -4.11
CA GLU A 229 19.45 -3.47 -5.16
C GLU A 229 19.51 -4.86 -5.81
N LEU A 230 18.38 -5.54 -5.84
CA LEU A 230 18.28 -6.91 -6.30
C LEU A 230 17.26 -6.97 -7.44
N VAL A 231 17.67 -7.51 -8.59
CA VAL A 231 16.72 -7.71 -9.67
C VAL A 231 16.10 -9.08 -9.54
N GLU A 232 14.86 -9.19 -10.02
CA GLU A 232 14.17 -10.46 -10.07
C GLU A 232 14.94 -11.43 -10.96
N THR A 233 14.99 -12.69 -10.52
CA THR A 233 15.62 -13.74 -11.32
C THR A 233 14.95 -13.83 -12.69
N ARG A 234 15.78 -13.95 -13.73
CA ARG A 234 15.31 -13.91 -15.09
C ARG A 234 15.85 -15.09 -15.89
N PRO A 235 15.10 -15.59 -16.86
CA PRO A 235 15.59 -16.71 -17.67
C PRO A 235 16.58 -16.23 -18.73
N ALA A 236 17.58 -17.05 -19.00
CA ALA A 236 18.57 -16.74 -20.03
C ALA A 236 18.14 -17.18 -21.42
N GLY A 237 17.16 -18.10 -21.52
CA GLY A 237 16.73 -18.63 -22.79
C GLY A 237 17.30 -20.00 -23.11
N ASP A 238 18.29 -20.48 -22.35
CA ASP A 238 18.85 -21.81 -22.52
C ASP A 238 18.52 -22.73 -21.35
N ARG A 239 17.41 -22.45 -20.64
CA ARG A 239 16.91 -23.17 -19.47
C ARG A 239 17.71 -22.88 -18.21
N THR A 240 18.62 -21.91 -18.23
CA THR A 240 19.32 -21.43 -17.04
C THR A 240 18.82 -20.03 -16.70
N PHE A 241 19.32 -19.49 -15.59
CA PHE A 241 18.82 -18.23 -15.06
C PHE A 241 19.97 -17.30 -14.72
N GLN A 242 19.61 -16.03 -14.49
CA GLN A 242 20.57 -14.99 -14.17
C GLN A 242 20.03 -14.13 -13.03
N LYS A 243 20.95 -13.53 -12.27
CA LYS A 243 20.57 -12.59 -11.23
C LYS A 243 21.79 -11.72 -10.92
N TRP A 244 21.52 -10.50 -10.44
CA TRP A 244 22.62 -9.69 -9.93
C TRP A 244 22.14 -8.86 -8.74
N ALA A 245 23.12 -8.41 -7.97
CA ALA A 245 22.91 -7.60 -6.78
C ALA A 245 23.89 -6.43 -6.79
N ALA A 246 23.40 -5.22 -6.55
CA ALA A 246 24.24 -4.04 -6.63
C ALA A 246 24.19 -3.24 -5.34
N VAL A 247 25.35 -2.67 -4.97
CA VAL A 247 25.45 -1.76 -3.84
C VAL A 247 26.32 -0.57 -4.23
N VAL A 248 25.97 0.61 -3.72
CA VAL A 248 26.77 1.80 -3.91
C VAL A 248 27.65 1.97 -2.68
N VAL A 249 28.96 2.00 -2.88
CA VAL A 249 29.91 2.03 -1.77
C VAL A 249 30.79 3.27 -1.93
N PRO A 250 31.36 3.77 -0.84
CA PRO A 250 32.29 4.89 -0.95
C PRO A 250 33.57 4.46 -1.64
N SER A 251 34.13 5.37 -2.45
CA SER A 251 35.36 5.06 -3.17
C SER A 251 36.49 4.79 -2.18
N GLY A 252 37.28 3.77 -2.48
CA GLY A 252 38.36 3.36 -1.60
C GLY A 252 37.96 2.42 -0.49
N GLU A 253 36.68 2.08 -0.37
CA GLU A 253 36.22 1.13 0.63
C GLU A 253 35.71 -0.16 0.01
N GLU A 254 36.02 -0.42 -1.26
CA GLU A 254 35.51 -1.61 -1.93
C GLU A 254 36.02 -2.89 -1.29
N GLN A 255 37.23 -2.87 -0.72
CA GLN A 255 37.81 -4.09 -0.17
C GLN A 255 37.00 -4.64 1.01
N ARG A 256 36.10 -3.83 1.59
CA ARG A 256 35.25 -4.28 2.68
C ARG A 256 34.07 -5.10 2.20
N TYR A 257 33.81 -5.14 0.90
CA TYR A 257 32.58 -5.70 0.35
C TYR A 257 32.86 -7.02 -0.36
N THR A 258 32.13 -8.05 0.03
CA THR A 258 32.21 -9.35 -0.60
C THR A 258 30.81 -9.85 -0.94
N CYS A 259 30.70 -10.55 -2.06
CA CYS A 259 29.44 -11.10 -2.50
C CYS A 259 29.30 -12.53 -2.00
N HIS A 260 28.10 -12.88 -1.53
CA HIS A 260 27.83 -14.20 -0.99
CA HIS A 260 27.82 -14.19 -0.96
C HIS A 260 26.65 -14.81 -1.72
N VAL A 261 26.86 -16.02 -2.24
CA VAL A 261 25.89 -16.72 -3.07
C VAL A 261 25.51 -18.02 -2.37
N GLN A 262 24.21 -18.29 -2.35
CA GLN A 262 23.67 -19.55 -1.86
C GLN A 262 22.84 -20.18 -2.97
N HIS A 263 23.22 -21.40 -3.36
CA HIS A 263 22.57 -22.13 -4.43
C HIS A 263 22.79 -23.62 -4.20
N GLU A 264 21.82 -24.42 -4.61
CA GLU A 264 21.89 -25.86 -4.39
C GLU A 264 23.14 -26.47 -5.02
N GLY A 265 23.55 -25.94 -6.17
CA GLY A 265 24.69 -26.45 -6.90
C GLY A 265 26.06 -26.06 -6.37
N LEU A 266 26.12 -25.25 -5.30
CA LEU A 266 27.39 -24.91 -4.68
C LEU A 266 27.58 -25.71 -3.40
N PRO A 267 28.75 -26.34 -3.19
CA PRO A 267 29.02 -27.08 -1.95
C PRO A 267 29.17 -26.14 -0.74
N MET B 1 -11.28 -7.02 -15.43
CA MET B 1 -10.89 -6.37 -14.18
C MET B 1 -9.41 -6.55 -13.90
N ILE B 2 -8.89 -5.71 -13.00
CA ILE B 2 -7.50 -5.68 -12.56
C ILE B 2 -6.59 -5.24 -13.71
N GLN B 3 -5.66 -4.33 -13.40
CA GLN B 3 -4.72 -3.80 -14.37
C GLN B 3 -3.36 -3.71 -13.69
N ARG B 4 -2.39 -4.47 -14.17
CA ARG B 4 -1.04 -4.48 -13.61
C ARG B 4 -0.05 -4.18 -14.71
N THR B 5 0.83 -3.21 -14.47
CA THR B 5 1.78 -2.81 -15.50
C THR B 5 2.92 -3.82 -15.60
N PRO B 6 3.49 -4.00 -16.79
CA PRO B 6 4.59 -4.96 -16.93
C PRO B 6 5.93 -4.39 -16.47
N LYS B 7 6.67 -5.22 -15.76
CA LYS B 7 8.07 -4.99 -15.46
C LYS B 7 8.91 -5.56 -16.60
N ILE B 8 9.98 -4.85 -16.94
CA ILE B 8 10.76 -5.11 -18.15
C ILE B 8 12.22 -5.22 -17.80
N GLN B 9 12.87 -6.28 -18.27
CA GLN B 9 14.32 -6.41 -18.21
C GLN B 9 14.83 -6.73 -19.61
N VAL B 10 15.89 -6.07 -20.04
CA VAL B 10 16.50 -6.32 -21.33
C VAL B 10 17.97 -6.65 -21.12
N TYR B 11 18.44 -7.73 -21.72
CA TYR B 11 19.73 -8.29 -21.33
C TYR B 11 20.15 -9.38 -22.32
N SER B 12 21.43 -9.70 -22.31
CA SER B 12 21.94 -10.75 -23.20
C SER B 12 21.97 -12.09 -22.48
N ARG B 13 21.96 -13.17 -23.28
CA ARG B 13 21.99 -14.51 -22.72
C ARG B 13 23.35 -14.80 -22.08
N HIS B 14 24.42 -14.37 -22.72
CA HIS B 14 25.78 -14.53 -22.24
C HIS B 14 26.40 -13.15 -22.06
N PRO B 15 27.47 -13.04 -21.28
CA PRO B 15 28.17 -11.76 -21.18
C PRO B 15 28.58 -11.26 -22.55
N ALA B 16 28.18 -10.03 -22.88
CA ALA B 16 28.37 -9.52 -24.22
C ALA B 16 29.83 -9.18 -24.48
N GLU B 17 30.31 -9.57 -25.66
CA GLU B 17 31.60 -9.14 -26.16
C GLU B 17 31.48 -8.96 -27.66
N ASN B 18 32.04 -7.86 -28.16
CA ASN B 18 31.81 -7.45 -29.54
C ASN B 18 32.42 -8.46 -30.50
N GLY B 19 31.60 -8.94 -31.44
CA GLY B 19 32.04 -9.82 -32.50
C GLY B 19 31.55 -11.24 -32.42
N LYS B 20 31.02 -11.68 -31.27
CA LYS B 20 30.59 -13.07 -31.11
C LYS B 20 29.08 -13.14 -30.91
N SER B 21 28.49 -14.19 -31.46
CA SER B 21 27.04 -14.37 -31.42
C SER B 21 26.54 -14.48 -29.99
N ASN B 22 25.27 -14.13 -29.79
CA ASN B 22 24.66 -14.06 -28.48
C ASN B 22 23.15 -13.96 -28.70
N PHE B 23 22.41 -13.86 -27.61
CA PHE B 23 20.96 -13.71 -27.68
C PHE B 23 20.53 -12.49 -26.88
N LEU B 24 19.71 -11.64 -27.49
CA LEU B 24 19.11 -10.49 -26.83
C LEU B 24 17.72 -10.90 -26.33
N ASN B 25 17.49 -10.73 -25.04
CA ASN B 25 16.26 -11.11 -24.36
C ASN B 25 15.58 -9.87 -23.82
N CYS B 26 14.25 -9.86 -23.93
CA CYS B 26 13.37 -8.92 -23.24
C CYS B 26 12.39 -9.74 -22.42
N TYR B 27 12.52 -9.65 -21.10
CA TYR B 27 11.69 -10.38 -20.16
C TYR B 27 10.64 -9.41 -19.62
N VAL B 28 9.37 -9.67 -19.94
CA VAL B 28 8.25 -8.88 -19.42
C VAL B 28 7.51 -9.74 -18.42
N SER B 29 7.16 -9.17 -17.28
CA SER B 29 6.59 -9.97 -16.21
C SER B 29 5.72 -9.10 -15.29
N GLY B 30 4.77 -9.74 -14.63
CA GLY B 30 3.95 -9.06 -13.65
C GLY B 30 2.82 -8.22 -14.19
N PHE B 31 2.32 -8.52 -15.38
CA PHE B 31 1.28 -7.71 -16.00
C PHE B 31 -0.04 -8.47 -16.07
N HIS B 32 -1.11 -7.70 -16.28
CA HIS B 32 -2.48 -8.20 -16.38
C HIS B 32 -3.36 -7.08 -16.93
N PRO B 33 -4.20 -7.36 -17.94
CA PRO B 33 -4.44 -8.64 -18.62
C PRO B 33 -3.30 -9.05 -19.55
N SER B 34 -3.53 -10.06 -20.39
CA SER B 34 -2.45 -10.76 -21.09
C SER B 34 -2.01 -10.08 -22.38
N ASP B 35 -2.87 -9.29 -23.02
CA ASP B 35 -2.51 -8.68 -24.29
C ASP B 35 -1.36 -7.70 -24.11
N ILE B 36 -0.26 -7.92 -24.85
CA ILE B 36 0.93 -7.09 -24.75
C ILE B 36 1.65 -7.12 -26.09
N GLU B 37 2.35 -6.03 -26.40
CA GLU B 37 3.09 -5.90 -27.64
C GLU B 37 4.56 -5.64 -27.30
N VAL B 38 5.44 -6.53 -27.74
CA VAL B 38 6.86 -6.44 -27.43
C VAL B 38 7.65 -6.48 -28.73
N ASP B 39 8.51 -5.48 -28.92
CA ASP B 39 9.42 -5.43 -30.06
C ASP B 39 10.83 -5.24 -29.56
N LEU B 40 11.79 -5.85 -30.26
CA LEU B 40 13.20 -5.57 -30.03
C LEU B 40 13.68 -4.60 -31.10
N LEU B 41 14.54 -3.67 -30.71
CA LEU B 41 14.95 -2.57 -31.58
C LEU B 41 16.46 -2.53 -31.70
N LYS B 42 16.94 -2.37 -32.93
CA LYS B 42 18.35 -2.18 -33.23
C LYS B 42 18.50 -0.81 -33.87
N ASN B 43 19.09 0.14 -33.15
CA ASN B 43 19.19 1.52 -33.60
C ASN B 43 17.82 2.08 -33.96
N GLY B 44 16.83 1.80 -33.10
CA GLY B 44 15.49 2.31 -33.26
C GLY B 44 14.59 1.50 -34.17
N GLU B 45 15.13 0.67 -35.06
CA GLU B 45 14.35 -0.09 -36.01
C GLU B 45 13.98 -1.46 -35.44
N ARG B 46 12.73 -1.88 -35.67
CA ARG B 46 12.23 -3.15 -35.15
C ARG B 46 12.97 -4.31 -35.81
N ILE B 47 13.40 -5.29 -35.01
CA ILE B 47 13.99 -6.51 -35.53
C ILE B 47 12.87 -7.49 -35.87
N GLU B 48 12.93 -8.06 -37.06
CA GLU B 48 11.99 -9.11 -37.43
C GLU B 48 12.51 -10.45 -36.96
N LYS B 49 11.61 -11.45 -36.97
CA LYS B 49 11.95 -12.82 -36.59
C LYS B 49 12.38 -12.93 -35.13
N VAL B 50 11.80 -12.12 -34.25
CA VAL B 50 12.02 -12.28 -32.81
C VAL B 50 11.04 -13.33 -32.32
N GLU B 51 11.55 -14.28 -31.54
CA GLU B 51 10.72 -15.33 -31.00
C GLU B 51 10.22 -14.91 -29.62
N HIS B 52 9.24 -15.65 -29.10
CA HIS B 52 8.74 -15.38 -27.77
C HIS B 52 8.21 -16.68 -27.17
N SER B 53 8.41 -16.83 -25.86
CA SER B 53 7.97 -18.02 -25.17
C SER B 53 6.45 -18.07 -25.09
N ASP B 54 5.94 -19.19 -24.57
CA ASP B 54 4.50 -19.33 -24.40
C ASP B 54 4.05 -18.63 -23.12
N LEU B 55 2.84 -18.11 -23.17
CA LEU B 55 2.26 -17.38 -22.04
C LEU B 55 2.20 -18.26 -20.80
N SER B 56 2.84 -17.81 -19.73
CA SER B 56 2.77 -18.44 -18.42
C SER B 56 2.53 -17.35 -17.38
N PHE B 57 2.43 -17.75 -16.12
CA PHE B 57 2.21 -16.77 -15.06
C PHE B 57 2.78 -17.29 -13.75
N SER B 58 3.00 -16.37 -12.82
CA SER B 58 3.60 -16.66 -11.53
C SER B 58 2.53 -17.04 -10.50
N LYS B 59 2.98 -17.31 -9.28
CA LYS B 59 2.06 -17.71 -8.21
C LYS B 59 1.03 -16.63 -7.90
N ASP B 60 1.29 -15.37 -8.27
CA ASP B 60 0.35 -14.28 -8.04
C ASP B 60 -0.57 -14.03 -9.23
N TRP B 61 -0.59 -14.93 -10.22
CA TRP B 61 -1.41 -14.93 -11.43
C TRP B 61 -0.91 -13.93 -12.47
N SER B 62 0.09 -13.10 -12.17
CA SER B 62 0.59 -12.16 -13.15
C SER B 62 1.39 -12.88 -14.24
N PHE B 63 1.22 -12.44 -15.48
CA PHE B 63 1.79 -13.13 -16.63
C PHE B 63 3.25 -12.75 -16.85
N TYR B 64 3.99 -13.65 -17.50
CA TYR B 64 5.35 -13.34 -17.93
C TYR B 64 5.63 -13.97 -19.29
N LEU B 65 6.48 -13.30 -20.05
CA LEU B 65 6.92 -13.75 -21.37
C LEU B 65 8.37 -13.35 -21.57
N LEU B 66 9.05 -14.11 -22.44
CA LEU B 66 10.44 -13.86 -22.82
C LEU B 66 10.51 -13.75 -24.34
N TYR B 67 10.82 -12.56 -24.83
CA TYR B 67 11.09 -12.34 -26.25
C TYR B 67 12.60 -12.41 -26.46
N TYR B 68 13.02 -12.96 -27.58
CA TYR B 68 14.45 -13.17 -27.74
C TYR B 68 14.80 -13.27 -29.22
N THR B 69 16.02 -12.86 -29.55
CA THR B 69 16.52 -13.00 -30.91
C THR B 69 18.03 -13.13 -30.88
N GLU B 70 18.58 -13.82 -31.89
CA GLU B 70 20.02 -13.88 -32.05
C GLU B 70 20.56 -12.51 -32.43
N PHE B 71 21.75 -12.19 -31.93
CA PHE B 71 22.37 -10.91 -32.27
C PHE B 71 23.86 -10.97 -31.98
N THR B 72 24.59 -10.11 -32.67
CA THR B 72 26.04 -9.96 -32.47
C THR B 72 26.31 -8.55 -31.99
N PRO B 73 26.58 -8.34 -30.70
CA PRO B 73 26.81 -6.99 -30.20
C PRO B 73 28.08 -6.39 -30.81
N THR B 74 28.04 -5.08 -31.06
CA THR B 74 29.19 -4.33 -31.51
C THR B 74 29.37 -3.12 -30.60
N GLU B 75 30.46 -2.38 -30.83
CA GLU B 75 30.75 -1.21 -30.01
C GLU B 75 29.71 -0.12 -30.18
N LYS B 76 29.14 0.01 -31.39
CA LYS B 76 28.29 1.14 -31.73
C LYS B 76 26.82 0.80 -31.88
N ASP B 77 26.46 -0.47 -32.00
CA ASP B 77 25.06 -0.84 -32.16
C ASP B 77 24.31 -0.65 -30.84
N GLU B 78 23.20 0.07 -30.91
CA GLU B 78 22.32 0.28 -29.77
C GLU B 78 21.10 -0.60 -29.88
N TYR B 79 20.77 -1.29 -28.80
CA TYR B 79 19.64 -2.21 -28.77
C TYR B 79 18.68 -1.82 -27.66
N ALA B 80 17.41 -2.13 -27.85
CA ALA B 80 16.38 -1.73 -26.88
C ALA B 80 15.18 -2.65 -27.01
N CYS B 81 14.25 -2.49 -26.08
CA CYS B 81 12.98 -3.21 -26.08
C CYS B 81 11.84 -2.21 -25.94
N ARG B 82 10.87 -2.29 -26.84
CA ARG B 82 9.69 -1.43 -26.80
C ARG B 82 8.47 -2.28 -26.41
N VAL B 83 7.75 -1.84 -25.38
CA VAL B 83 6.67 -2.60 -24.79
C VAL B 83 5.43 -1.71 -24.73
N ASN B 84 4.31 -2.23 -25.24
CA ASN B 84 3.02 -1.56 -25.16
C ASN B 84 2.04 -2.48 -24.45
N HIS B 85 1.24 -1.89 -23.56
CA HIS B 85 0.29 -2.62 -22.74
C HIS B 85 -0.91 -1.71 -22.49
N VAL B 86 -2.03 -2.31 -22.08
CA VAL B 86 -3.22 -1.52 -21.80
C VAL B 86 -2.99 -0.54 -20.65
N THR B 87 -2.00 -0.80 -19.79
CA THR B 87 -1.70 0.10 -18.69
C THR B 87 -0.75 1.24 -19.10
N LEU B 88 -0.24 1.23 -20.33
CA LEU B 88 0.70 2.24 -20.80
C LEU B 88 0.01 3.10 -21.86
N SER B 89 -0.02 4.42 -21.63
CA SER B 89 -0.60 5.32 -22.62
C SER B 89 0.23 5.34 -23.90
N GLN B 90 1.56 5.28 -23.76
CA GLN B 90 2.49 5.23 -24.87
C GLN B 90 3.50 4.13 -24.61
N PRO B 91 4.07 3.54 -25.66
CA PRO B 91 5.03 2.45 -25.46
C PRO B 91 6.23 2.90 -24.63
N LYS B 92 6.71 1.97 -23.81
CA LYS B 92 7.89 2.18 -22.98
C LYS B 92 9.09 1.54 -23.65
N ILE B 93 10.18 2.29 -23.78
CA ILE B 93 11.41 1.79 -24.38
C ILE B 93 12.47 1.69 -23.30
N VAL B 94 13.06 0.50 -23.18
CA VAL B 94 14.14 0.24 -22.24
C VAL B 94 15.37 -0.14 -23.05
N LYS B 95 16.42 0.65 -22.93
CA LYS B 95 17.66 0.39 -23.64
C LYS B 95 18.43 -0.76 -23.01
N TRP B 96 19.15 -1.50 -23.85
CA TRP B 96 19.99 -2.58 -23.37
C TRP B 96 21.31 -2.02 -22.84
N ASP B 97 21.65 -2.40 -21.61
CA ASP B 97 22.92 -2.02 -20.98
C ASP B 97 23.68 -3.30 -20.68
N ARG B 98 24.87 -3.43 -21.27
CA ARG B 98 25.67 -4.64 -21.08
C ARG B 98 26.06 -4.86 -19.62
N ASP B 99 26.06 -3.81 -18.81
CA ASP B 99 26.39 -3.92 -17.39
C ASP B 99 25.17 -4.24 -16.53
N MET B 100 24.00 -4.44 -17.12
CA MET B 100 22.79 -4.71 -16.36
C MET B 100 21.94 -5.81 -17.00
N GLU C 1 2.04 -35.96 -16.80
CA GLU C 1 0.78 -36.20 -17.49
C GLU C 1 -0.34 -35.32 -16.94
N GLU C 2 -1.35 -35.09 -17.77
CA GLU C 2 -2.42 -34.14 -17.49
C GLU C 2 -3.66 -34.85 -16.97
N PHE C 3 -4.40 -34.16 -16.10
CA PHE C 3 -5.67 -34.66 -15.60
C PHE C 3 -6.74 -34.44 -16.66
N GLY C 4 -7.37 -35.53 -17.11
CA GLY C 4 -8.34 -35.49 -18.19
C GLY C 4 -9.76 -35.14 -17.80
N ARG C 5 -10.05 -34.99 -16.51
CA ARG C 5 -11.39 -34.67 -16.04
C ARG C 5 -11.45 -33.16 -15.80
N ALA C 6 -12.08 -32.44 -16.72
CA ALA C 6 -12.37 -31.03 -16.54
C ALA C 6 -13.72 -30.87 -15.85
N PHE C 7 -13.91 -29.73 -15.20
CA PHE C 7 -15.10 -29.50 -14.39
C PHE C 7 -15.61 -28.09 -14.63
N SER C 8 -16.86 -27.98 -15.06
CA SER C 8 -17.43 -26.70 -15.46
C SER C 8 -17.66 -25.80 -14.25
N PHE C 9 -17.66 -24.50 -14.51
CA PHE C 9 -17.89 -23.50 -13.46
C PHE C 9 -19.37 -23.46 -13.09
N GLN D 1 -0.98 -16.83 12.56
CA GLN D 1 -1.64 -15.53 12.52
C GLN D 1 -0.73 -14.49 11.87
N VAL D 2 -1.31 -13.70 10.95
CA VAL D 2 -0.53 -12.72 10.21
C VAL D 2 -0.19 -11.55 11.13
N GLN D 3 1.08 -11.13 11.10
CA GLN D 3 1.56 -10.08 11.98
C GLN D 3 2.59 -9.23 11.25
N LEU D 4 2.40 -7.91 11.27
CA LEU D 4 3.31 -6.95 10.65
C LEU D 4 3.74 -5.97 11.74
N LYS D 5 5.00 -6.04 12.14
CA LYS D 5 5.54 -5.19 13.20
C LYS D 5 6.52 -4.19 12.59
N GLN D 6 6.27 -2.91 12.81
CA GLN D 6 7.12 -1.87 12.22
C GLN D 6 8.09 -1.32 13.25
N SER D 7 9.23 -0.86 12.75
CA SER D 7 10.23 -0.19 13.57
C SER D 7 10.96 0.83 12.72
N GLY D 8 11.34 1.93 13.35
CA GLY D 8 12.02 3.00 12.64
C GLY D 8 11.95 4.31 13.38
N PRO D 9 12.80 5.26 13.00
CA PRO D 9 12.81 6.56 13.68
C PRO D 9 11.61 7.40 13.28
N GLY D 10 11.03 8.08 14.27
CA GLY D 10 9.91 8.96 14.05
C GLY D 10 10.25 10.41 13.83
N LEU D 11 11.53 10.76 13.79
CA LEU D 11 11.96 12.13 13.60
C LEU D 11 13.12 12.15 12.61
N VAL D 12 12.91 12.79 11.46
CA VAL D 12 13.92 12.89 10.41
C VAL D 12 14.11 14.35 10.03
N GLN D 13 15.35 14.70 9.68
CA GLN D 13 15.66 16.06 9.30
C GLN D 13 15.09 16.36 7.90
N PRO D 14 14.69 17.61 7.65
CA PRO D 14 13.96 17.96 6.41
C PRO D 14 14.86 18.02 5.18
N SER D 15 15.54 16.90 4.90
CA SER D 15 16.30 16.73 3.66
C SER D 15 16.81 15.29 3.62
N GLN D 16 16.85 14.65 4.77
CA GLN D 16 17.44 13.32 4.91
C GLN D 16 16.43 12.26 4.47
N SER D 17 16.71 11.01 4.80
CA SER D 17 15.90 9.89 4.38
C SER D 17 15.17 9.26 5.56
N LEU D 18 14.11 8.54 5.24
CA LEU D 18 13.31 7.79 6.20
C LEU D 18 13.45 6.30 5.89
N SER D 19 13.76 5.51 6.92
CA SER D 19 13.90 4.07 6.80
C SER D 19 12.97 3.42 7.82
N ILE D 20 12.13 2.51 7.35
CA ILE D 20 11.23 1.74 8.20
C ILE D 20 11.41 0.26 7.88
N THR D 21 11.54 -0.56 8.92
CA THR D 21 11.59 -2.00 8.77
C THR D 21 10.26 -2.60 9.20
N CYS D 22 9.65 -3.37 8.31
CA CYS D 22 8.47 -4.17 8.62
C CYS D 22 8.92 -5.62 8.77
N THR D 23 8.77 -6.16 9.98
CA THR D 23 9.09 -7.55 10.28
C THR D 23 7.80 -8.36 10.26
N VAL D 24 7.84 -9.50 9.61
CA VAL D 24 6.67 -10.26 9.20
C VAL D 24 6.65 -11.60 9.91
N SER D 25 5.48 -12.00 10.41
CA SER D 25 5.31 -13.35 10.93
C SER D 25 3.95 -13.89 10.52
N GLY D 26 3.86 -15.21 10.43
CA GLY D 26 2.66 -15.89 10.01
C GLY D 26 2.59 -16.23 8.54
N PHE D 27 3.57 -15.79 7.74
CA PHE D 27 3.62 -16.09 6.32
C PHE D 27 5.02 -15.80 5.82
N SER D 28 5.31 -16.23 4.60
CA SER D 28 6.62 -16.06 3.99
C SER D 28 6.58 -14.97 2.93
N LEU D 29 7.61 -14.12 2.92
CA LEU D 29 7.72 -13.11 1.89
C LEU D 29 7.96 -13.71 0.51
N THR D 30 8.36 -14.98 0.44
CA THR D 30 8.49 -15.64 -0.85
C THR D 30 7.14 -15.96 -1.49
N SER D 31 6.03 -15.81 -0.75
CA SER D 31 4.72 -16.15 -1.27
C SER D 31 3.77 -14.95 -1.38
N TYR D 32 4.01 -13.87 -0.64
CA TYR D 32 3.08 -12.76 -0.61
C TYR D 32 3.80 -11.47 -0.96
N GLY D 33 3.05 -10.53 -1.55
CA GLY D 33 3.57 -9.19 -1.72
C GLY D 33 3.34 -8.35 -0.48
N LEU D 34 4.23 -7.40 -0.24
CA LEU D 34 4.08 -6.48 0.89
C LEU D 34 4.02 -5.05 0.38
N HIS D 35 3.00 -4.33 0.81
CA HIS D 35 2.71 -2.98 0.36
C HIS D 35 3.05 -1.97 1.44
N TRP D 36 3.18 -0.72 1.02
CA TRP D 36 3.44 0.40 1.90
C TRP D 36 2.48 1.52 1.54
N VAL D 37 1.76 2.01 2.56
CA VAL D 37 0.74 3.03 2.49
C VAL D 37 1.07 4.08 3.54
N ARG D 38 0.62 5.32 3.32
CA ARG D 38 0.80 6.35 4.34
C ARG D 38 -0.47 7.16 4.48
N GLN D 39 -0.61 7.79 5.65
CA GLN D 39 -1.77 8.61 5.97
C GLN D 39 -1.30 9.94 6.55
N SER D 40 -1.75 11.03 5.96
CA SER D 40 -1.38 12.38 6.34
C SER D 40 -2.62 13.25 6.31
N PRO D 41 -2.61 14.37 7.04
CA PRO D 41 -3.79 15.26 7.00
C PRO D 41 -4.02 15.88 5.63
N GLY D 42 -2.96 16.21 4.90
CA GLY D 42 -3.10 16.90 3.64
C GLY D 42 -3.56 16.04 2.48
N LYS D 43 -3.07 14.80 2.41
CA LYS D 43 -3.34 13.92 1.30
C LYS D 43 -4.13 12.67 1.67
N GLY D 44 -4.53 12.52 2.92
CA GLY D 44 -5.26 11.33 3.32
C GLY D 44 -4.42 10.08 3.20
N LEU D 45 -5.08 8.98 2.84
CA LEU D 45 -4.39 7.71 2.66
C LEU D 45 -3.78 7.63 1.26
N GLU D 46 -2.51 7.27 1.19
CA GLU D 46 -1.77 7.19 -0.06
C GLU D 46 -1.07 5.85 -0.14
N TRP D 47 -1.34 5.08 -1.18
CA TRP D 47 -0.58 3.88 -1.46
C TRP D 47 0.76 4.26 -2.06
N LEU D 48 1.86 3.81 -1.45
CA LEU D 48 3.20 4.22 -1.82
C LEU D 48 3.90 3.20 -2.72
N GLY D 49 3.84 1.93 -2.36
CA GLY D 49 4.54 0.96 -3.18
C GLY D 49 4.30 -0.46 -2.73
N VAL D 50 4.94 -1.38 -3.43
CA VAL D 50 4.81 -2.81 -3.13
C VAL D 50 6.06 -3.52 -3.62
N ILE D 51 6.49 -4.53 -2.85
CA ILE D 51 7.50 -5.48 -3.28
C ILE D 51 6.85 -6.86 -3.36
N TRP D 52 6.92 -7.49 -4.52
CA TRP D 52 6.26 -8.76 -4.75
C TRP D 52 7.15 -9.91 -4.29
N SER D 53 6.57 -11.11 -4.34
CA SER D 53 7.26 -12.30 -3.81
C SER D 53 8.59 -12.51 -4.50
N GLY D 54 8.64 -12.38 -5.83
CA GLY D 54 9.85 -12.60 -6.59
C GLY D 54 10.88 -11.49 -6.52
N GLY D 55 10.59 -10.41 -5.82
CA GLY D 55 11.54 -9.31 -5.66
C GLY D 55 11.29 -8.10 -6.53
N SER D 56 10.39 -8.19 -7.50
CA SER D 56 10.06 -7.02 -8.31
C SER D 56 9.23 -6.04 -7.50
N THR D 57 9.22 -4.78 -7.95
CA THR D 57 8.59 -3.72 -7.20
C THR D 57 7.68 -2.89 -8.10
N ASP D 58 6.69 -2.26 -7.47
CA ASP D 58 5.86 -1.25 -8.10
C ASP D 58 5.81 -0.04 -7.18
N TYR D 59 6.01 1.15 -7.74
CA TYR D 59 6.03 2.37 -6.96
C TYR D 59 4.96 3.34 -7.46
N ASN D 60 4.34 4.05 -6.52
CA ASN D 60 3.51 5.19 -6.87
C ASN D 60 4.32 6.16 -7.71
N ALA D 61 3.77 6.52 -8.88
CA ALA D 61 4.53 7.32 -9.84
C ALA D 61 4.95 8.66 -9.26
N ALA D 62 4.16 9.21 -8.33
CA ALA D 62 4.51 10.48 -7.70
C ALA D 62 5.68 10.35 -6.74
N PHE D 63 6.17 9.14 -6.47
CA PHE D 63 7.23 8.92 -5.52
C PHE D 63 8.42 8.14 -6.08
N ILE D 64 8.36 7.73 -7.34
CA ILE D 64 9.33 6.77 -7.89
C ILE D 64 10.75 7.32 -7.87
N SER D 65 10.92 8.65 -7.87
CA SER D 65 12.26 9.22 -7.92
C SER D 65 12.99 9.16 -6.59
N ARG D 66 12.30 8.84 -5.49
CA ARG D 66 12.93 8.88 -4.17
C ARG D 66 12.49 7.73 -3.27
N LEU D 67 11.93 6.67 -3.84
CA LEU D 67 11.40 5.56 -3.07
C LEU D 67 12.13 4.27 -3.43
N SER D 68 12.42 3.46 -2.42
CA SER D 68 12.95 2.12 -2.64
C SER D 68 12.35 1.17 -1.61
N ILE D 69 12.03 -0.03 -2.06
CA ILE D 69 11.52 -1.09 -1.19
C ILE D 69 12.37 -2.33 -1.45
N ARG D 70 13.06 -2.79 -0.40
CA ARG D 70 13.91 -3.97 -0.48
C ARG D 70 13.45 -4.97 0.56
N LYS D 71 14.06 -6.15 0.57
CA LYS D 71 13.62 -7.16 1.54
C LYS D 71 14.67 -8.23 1.71
N ASP D 72 14.59 -8.89 2.87
CA ASP D 72 15.33 -10.09 3.19
C ASP D 72 14.30 -11.17 3.52
N ASN D 73 14.13 -12.13 2.60
CA ASN D 73 13.15 -13.19 2.78
C ASN D 73 13.45 -14.03 4.00
N SER D 74 14.70 -14.50 4.12
CA SER D 74 15.06 -15.44 5.18
C SER D 74 14.87 -14.82 6.57
N LYS D 75 15.02 -13.50 6.68
CA LYS D 75 14.81 -12.81 7.95
C LYS D 75 13.42 -12.18 8.03
N SER D 76 12.58 -12.37 7.02
CA SER D 76 11.19 -11.91 7.04
C SER D 76 11.10 -10.40 7.23
N GLN D 77 12.00 -9.66 6.58
CA GLN D 77 12.05 -8.22 6.76
C GLN D 77 11.85 -7.50 5.43
N VAL D 78 11.12 -6.39 5.46
CA VAL D 78 10.96 -5.51 4.32
C VAL D 78 11.42 -4.11 4.73
N PHE D 79 12.21 -3.49 3.87
CA PHE D 79 12.87 -2.22 4.15
C PHE D 79 12.30 -1.15 3.23
N PHE D 80 11.60 -0.20 3.81
CA PHE D 80 11.05 0.95 3.11
C PHE D 80 12.00 2.12 3.30
N LYS D 81 12.42 2.75 2.20
CA LYS D 81 13.31 3.91 2.29
C LYS D 81 12.80 4.99 1.35
N MET D 82 12.67 6.21 1.88
CA MET D 82 12.25 7.34 1.08
C MET D 82 13.22 8.49 1.30
N ASN D 83 13.64 9.13 0.22
CA ASN D 83 14.65 10.17 0.28
C ASN D 83 14.02 11.55 0.22
N SER D 84 14.85 12.57 0.49
CA SER D 84 14.52 13.98 0.30
C SER D 84 13.16 14.34 0.90
N LEU D 85 13.04 14.12 2.21
CA LEU D 85 11.78 14.37 2.88
C LEU D 85 11.59 15.85 3.15
N GLN D 86 10.36 16.31 2.99
CA GLN D 86 9.97 17.70 3.25
C GLN D 86 8.89 17.69 4.33
N ALA D 87 8.27 18.86 4.53
CA ALA D 87 7.17 18.94 5.48
C ALA D 87 5.93 18.20 4.96
N ASN D 88 5.80 18.05 3.63
CA ASN D 88 4.69 17.27 3.09
C ASN D 88 4.63 15.86 3.68
N ASP D 89 5.80 15.31 4.01
CA ASP D 89 5.94 13.87 4.23
C ASP D 89 5.66 13.42 5.66
N THR D 90 5.51 14.35 6.60
CA THR D 90 5.13 13.99 7.97
C THR D 90 3.81 13.23 7.94
N ALA D 91 3.79 12.01 8.48
CA ALA D 91 2.63 11.15 8.31
C ALA D 91 2.81 9.88 9.13
N ILE D 92 1.76 9.06 9.15
CA ILE D 92 1.83 7.71 9.69
C ILE D 92 2.02 6.75 8.52
N TYR D 93 3.06 5.93 8.60
CA TYR D 93 3.43 5.00 7.53
C TYR D 93 3.10 3.58 7.98
N TYR D 94 2.45 2.82 7.10
CA TYR D 94 2.05 1.45 7.35
C TYR D 94 2.65 0.52 6.31
N CYS D 95 3.05 -0.67 6.75
CA CYS D 95 3.17 -1.80 5.84
C CYS D 95 1.85 -2.56 5.89
N ALA D 96 1.53 -3.25 4.80
CA ALA D 96 0.24 -3.91 4.68
C ALA D 96 0.37 -5.13 3.79
N ARG D 97 -0.55 -6.06 3.96
CA ARG D 97 -0.60 -7.27 3.14
C ARG D 97 -2.04 -7.55 2.75
N SER D 98 -2.21 -8.10 1.55
CA SER D 98 -3.54 -8.46 1.07
C SER D 98 -3.97 -9.79 1.68
N LEU D 99 -5.12 -10.29 1.25
CA LEU D 99 -5.66 -11.52 1.82
C LEU D 99 -5.00 -12.75 1.23
N THR D 100 -4.81 -12.78 -0.09
CA THR D 100 -4.28 -13.94 -0.80
C THR D 100 -2.94 -13.59 -1.44
N THR D 101 -2.41 -14.54 -2.20
CA THR D 101 -1.14 -14.35 -2.90
C THR D 101 -1.29 -13.59 -4.21
N ALA D 102 -2.52 -13.23 -4.60
CA ALA D 102 -2.72 -12.46 -5.82
C ALA D 102 -2.14 -11.06 -5.66
N THR D 103 -2.19 -10.27 -6.74
CA THR D 103 -1.70 -8.91 -6.73
C THR D 103 -2.75 -7.91 -6.28
N SER D 104 -3.70 -8.33 -5.45
CA SER D 104 -4.69 -7.41 -4.91
C SER D 104 -4.02 -6.35 -4.04
N ALA D 105 -4.57 -5.14 -4.06
CA ALA D 105 -4.02 -4.01 -3.32
C ALA D 105 -5.01 -3.47 -2.29
N TRP D 106 -5.89 -4.33 -1.78
CA TRP D 106 -6.69 -4.03 -0.60
C TRP D 106 -6.20 -4.92 0.55
N PHE D 107 -6.35 -4.43 1.77
CA PHE D 107 -5.58 -4.95 2.90
C PHE D 107 -6.42 -5.30 4.12
N PRO D 108 -6.50 -6.57 4.50
CA PRO D 108 -7.02 -6.92 5.83
C PRO D 108 -5.97 -6.81 6.92
N TYR D 109 -4.68 -6.76 6.56
CA TYR D 109 -3.59 -6.83 7.52
C TYR D 109 -2.75 -5.56 7.43
N TRP D 110 -2.63 -4.85 8.54
CA TRP D 110 -1.89 -3.60 8.61
C TRP D 110 -0.88 -3.68 9.74
N GLY D 111 0.27 -3.04 9.55
CA GLY D 111 1.18 -2.81 10.64
C GLY D 111 0.59 -1.84 11.65
N GLN D 112 1.26 -1.71 12.79
CA GLN D 112 0.75 -0.83 13.83
C GLN D 112 0.91 0.64 13.46
N GLY D 113 1.76 0.95 12.49
CA GLY D 113 1.95 2.32 12.07
C GLY D 113 3.20 2.93 12.68
N THR D 114 3.82 3.81 11.92
CA THR D 114 5.00 4.56 12.38
C THR D 114 4.74 6.02 12.09
N LEU D 115 4.58 6.82 13.15
CA LEU D 115 4.46 8.26 12.97
C LEU D 115 5.85 8.84 12.75
N VAL D 116 6.06 9.47 11.60
CA VAL D 116 7.32 10.18 11.35
C VAL D 116 6.99 11.65 11.17
N THR D 117 7.77 12.49 11.87
CA THR D 117 7.67 13.94 11.80
C THR D 117 8.94 14.46 11.15
N VAL D 118 8.79 15.32 10.14
CA VAL D 118 9.92 15.87 9.40
C VAL D 118 10.14 17.28 9.92
N SER D 119 11.21 17.47 10.69
CA SER D 119 11.49 18.75 11.31
C SER D 119 12.98 18.85 11.60
N ALA D 120 13.49 20.08 11.54
CA ALA D 120 14.87 20.37 11.91
C ALA D 120 14.98 20.91 13.33
N ALA D 121 13.88 20.94 14.06
CA ALA D 121 13.87 21.51 15.40
C ALA D 121 14.60 20.60 16.39
N LYS D 122 15.14 21.22 17.43
CA LYS D 122 15.72 20.51 18.55
C LYS D 122 14.75 20.53 19.72
N THR D 123 14.98 19.63 20.68
CA THR D 123 14.14 19.58 21.88
C THR D 123 14.15 20.93 22.58
N THR D 124 12.96 21.49 22.80
CA THR D 124 12.82 22.84 23.31
C THR D 124 11.69 22.88 24.34
N PRO D 125 11.93 23.44 25.53
CA PRO D 125 10.88 23.54 26.52
C PRO D 125 9.90 24.65 26.17
N PRO D 126 8.66 24.58 26.66
CA PRO D 126 7.68 25.61 26.33
C PRO D 126 7.70 26.80 27.28
N SER D 127 7.29 27.94 26.75
CA SER D 127 6.90 29.09 27.56
C SER D 127 5.43 28.95 27.91
N VAL D 128 5.10 29.24 29.16
CA VAL D 128 3.75 29.07 29.68
C VAL D 128 3.24 30.43 30.12
N TYR D 129 2.16 30.91 29.48
CA TYR D 129 1.62 32.22 29.75
C TYR D 129 0.21 32.10 30.31
N PRO D 130 -0.12 32.82 31.38
CA PRO D 130 -1.48 32.78 31.92
C PRO D 130 -2.42 33.66 31.10
N LEU D 131 -3.67 33.26 31.04
CA LEU D 131 -4.70 33.94 30.27
C LEU D 131 -5.83 34.31 31.21
N ALA D 132 -5.85 35.56 31.66
CA ALA D 132 -6.84 36.24 32.46
C ALA D 132 -7.78 37.03 31.56
N PRO D 133 -9.09 37.00 31.85
CA PRO D 133 -10.05 37.58 30.91
C PRO D 133 -9.89 39.08 30.68
N GLY D 134 -9.53 39.84 31.71
CA GLY D 134 -9.55 41.28 31.62
C GLY D 134 -10.93 41.91 31.70
N SER D 135 -11.99 41.14 31.41
CA SER D 135 -13.37 41.53 31.69
C SER D 135 -14.06 40.31 32.31
N ALA D 136 -14.15 40.29 33.62
CA ALA D 136 -14.74 39.18 34.37
C ALA D 136 -15.88 39.73 35.24
N ALA D 137 -16.97 40.11 34.60
CA ALA D 137 -18.09 40.71 35.32
C ALA D 137 -18.68 39.73 36.33
N GLN D 138 -19.01 40.26 37.51
CA GLN D 138 -19.60 39.45 38.56
CA GLN D 138 -19.60 39.42 38.55
C GLN D 138 -21.02 38.99 38.24
N THR D 139 -21.62 39.52 37.16
CA THR D 139 -22.94 39.09 36.73
C THR D 139 -22.89 37.86 35.81
N ASN D 140 -21.70 37.46 35.38
CA ASN D 140 -21.54 36.18 34.72
C ASN D 140 -21.59 35.05 35.76
N SER D 141 -22.23 33.94 35.40
CA SER D 141 -22.26 32.81 36.31
C SER D 141 -20.96 32.02 36.27
N MET D 142 -20.28 31.97 35.12
CA MET D 142 -19.00 31.31 34.97
C MET D 142 -17.95 32.29 34.47
N VAL D 143 -16.69 31.99 34.79
CA VAL D 143 -15.55 32.70 34.23
C VAL D 143 -14.64 31.66 33.59
N THR D 144 -14.09 32.02 32.43
CA THR D 144 -13.17 31.16 31.69
C THR D 144 -11.77 31.75 31.80
N LEU D 145 -10.81 30.91 32.17
CA LEU D 145 -9.40 31.25 32.25
C LEU D 145 -8.64 30.34 31.30
N GLY D 146 -7.37 30.68 31.06
CA GLY D 146 -6.60 29.93 30.09
C GLY D 146 -5.13 29.84 30.38
N CYS D 147 -4.47 28.99 29.61
CA CYS D 147 -3.05 28.72 29.68
C CYS D 147 -2.57 28.59 28.25
N LEU D 148 -1.54 29.35 27.88
CA LEU D 148 -0.99 29.32 26.53
C LEU D 148 0.41 28.71 26.59
N VAL D 149 0.59 27.59 25.91
CA VAL D 149 1.83 26.82 25.92
C VAL D 149 2.47 27.00 24.55
N LYS D 150 3.57 27.75 24.48
CA LYS D 150 4.14 28.23 23.23
C LYS D 150 5.58 27.75 23.06
N GLY D 151 5.93 27.39 21.82
CA GLY D 151 7.32 27.22 21.43
C GLY D 151 8.04 26.01 21.99
N TYR D 152 7.41 24.83 21.92
CA TYR D 152 8.04 23.61 22.41
C TYR D 152 8.20 22.60 21.28
N PHE D 153 9.04 21.59 21.55
CA PHE D 153 9.32 20.49 20.65
C PHE D 153 10.01 19.38 21.42
N PRO D 154 9.66 18.11 21.19
CA PRO D 154 8.62 17.61 20.27
C PRO D 154 7.21 17.63 20.85
N GLU D 155 6.34 16.77 20.31
CA GLU D 155 4.89 16.98 20.42
C GLU D 155 4.33 16.91 21.83
N PRO D 156 4.56 15.88 22.63
CA PRO D 156 3.70 15.65 23.80
C PRO D 156 3.86 16.74 24.86
N VAL D 157 2.76 17.42 25.16
CA VAL D 157 2.64 18.30 26.31
C VAL D 157 1.32 17.98 26.99
N THR D 158 1.32 17.93 28.32
CA THR D 158 0.11 17.66 29.08
C THR D 158 -0.23 18.85 29.96
N VAL D 159 -1.52 19.17 30.03
CA VAL D 159 -2.02 20.30 30.81
C VAL D 159 -3.08 19.77 31.77
N THR D 160 -2.94 20.12 33.05
CA THR D 160 -3.99 19.90 34.04
C THR D 160 -4.27 21.22 34.73
N TRP D 161 -5.33 21.24 35.53
CA TRP D 161 -5.74 22.45 36.24
C TRP D 161 -5.90 22.12 37.72
N ASN D 162 -5.21 22.89 38.56
CA ASN D 162 -5.15 22.63 40.00
C ASN D 162 -4.75 21.19 40.29
N SER D 163 -3.79 20.70 39.50
CA SER D 163 -3.25 19.33 39.62
C SER D 163 -4.35 18.28 39.46
N GLY D 164 -5.37 18.59 38.66
CA GLY D 164 -6.43 17.66 38.37
C GLY D 164 -7.70 17.86 39.19
N SER D 165 -7.67 18.73 40.21
CA SER D 165 -8.87 18.96 41.00
C SER D 165 -9.96 19.65 40.20
N LEU D 166 -9.60 20.42 39.17
CA LEU D 166 -10.55 21.02 38.24
C LEU D 166 -10.51 20.19 36.96
N SER D 167 -11.43 19.24 36.84
CA SER D 167 -11.51 18.37 35.67
C SER D 167 -12.65 18.74 34.73
N SER D 168 -13.82 19.07 35.27
CA SER D 168 -14.96 19.44 34.44
C SER D 168 -14.77 20.85 33.89
N GLY D 169 -15.27 21.06 32.68
CA GLY D 169 -15.16 22.36 32.04
C GLY D 169 -13.80 22.69 31.47
N VAL D 170 -12.94 21.69 31.25
CA VAL D 170 -11.61 21.89 30.71
C VAL D 170 -11.63 21.58 29.22
N HIS D 171 -11.01 22.44 28.42
CA HIS D 171 -10.81 22.19 27.00
C HIS D 171 -9.33 22.35 26.70
N THR D 172 -8.68 21.29 26.25
CA THR D 172 -7.29 21.34 25.82
C THR D 172 -7.26 21.12 24.32
N PHE D 173 -6.67 22.04 23.60
CA PHE D 173 -6.76 22.03 22.16
C PHE D 173 -5.53 21.38 21.53
N PRO D 174 -5.69 20.72 20.39
CA PRO D 174 -4.54 20.09 19.74
C PRO D 174 -3.48 21.11 19.37
N ALA D 175 -2.22 20.70 19.52
CA ALA D 175 -1.10 21.56 19.18
C ALA D 175 -1.04 21.82 17.68
N VAL D 176 -0.55 22.99 17.31
CA VAL D 176 -0.33 23.36 15.92
C VAL D 176 1.09 23.88 15.75
N LEU D 177 1.63 23.71 14.55
CA LEU D 177 2.98 24.14 14.22
C LEU D 177 3.02 25.63 13.93
N GLN D 178 3.59 26.40 14.85
CA GLN D 178 3.93 27.80 14.61
C GLN D 178 5.36 27.84 14.07
N SER D 179 5.49 28.14 12.78
CA SER D 179 6.77 28.15 12.09
C SER D 179 7.49 26.81 12.24
N ASP D 180 8.22 26.65 13.36
CA ASP D 180 9.01 25.45 13.58
C ASP D 180 8.68 24.73 14.89
N LEU D 181 8.00 25.41 15.80
CA LEU D 181 7.71 24.79 17.11
C LEU D 181 6.21 24.58 17.29
N TYR D 182 5.82 23.97 18.39
CA TYR D 182 4.39 23.70 18.64
C TYR D 182 3.82 24.72 19.62
N THR D 183 2.53 24.96 19.48
CA THR D 183 1.79 25.84 20.39
C THR D 183 0.42 25.20 20.68
N LEU D 184 0.02 25.17 21.94
CA LEU D 184 -1.35 24.74 22.26
C LEU D 184 -1.91 25.61 23.37
N SER D 185 -3.21 25.59 23.53
CA SER D 185 -3.84 26.36 24.61
C SER D 185 -4.77 25.42 25.39
N SER D 186 -5.13 25.84 26.59
CA SER D 186 -6.06 25.11 27.47
C SER D 186 -6.92 26.13 28.21
N SER D 187 -8.20 25.89 28.23
CA SER D 187 -9.13 26.77 28.94
C SER D 187 -9.84 25.96 30.02
N VAL D 188 -10.17 26.64 31.11
CA VAL D 188 -10.96 26.06 32.18
C VAL D 188 -12.06 27.06 32.55
N THR D 189 -13.26 26.55 32.80
CA THR D 189 -14.41 27.37 33.11
C THR D 189 -14.94 26.99 34.48
N VAL D 190 -14.95 27.96 35.40
CA VAL D 190 -15.33 27.69 36.79
C VAL D 190 -16.36 28.73 37.20
N PRO D 191 -17.17 28.44 38.22
CA PRO D 191 -18.12 29.45 38.71
C PRO D 191 -17.39 30.75 39.06
N SER D 192 -18.04 31.87 38.78
CA SER D 192 -17.41 33.17 39.06
C SER D 192 -17.22 33.40 40.55
N SER D 193 -17.90 32.62 41.40
CA SER D 193 -17.69 32.71 42.84
C SER D 193 -16.44 31.98 43.31
N THR D 194 -15.79 31.19 42.45
CA THR D 194 -14.57 30.49 42.82
C THR D 194 -13.31 31.19 42.38
N TRP D 195 -13.36 32.01 41.32
CA TRP D 195 -12.21 32.79 40.89
C TRP D 195 -12.64 34.22 40.65
N PRO D 196 -11.83 35.21 41.08
CA PRO D 196 -10.47 35.11 41.65
C PRO D 196 -10.42 34.89 43.15
N SER D 197 -11.54 34.58 43.83
CA SER D 197 -11.48 34.40 45.27
C SER D 197 -10.61 33.21 45.66
N GLU D 198 -10.49 32.21 44.79
CA GLU D 198 -9.61 31.08 45.04
C GLU D 198 -8.56 30.98 43.93
N THR D 199 -7.55 30.16 44.19
CA THR D 199 -6.42 30.00 43.28
C THR D 199 -6.77 29.05 42.14
N VAL D 200 -6.39 29.43 40.92
CA VAL D 200 -6.50 28.57 39.75
C VAL D 200 -5.14 28.52 39.07
N THR D 201 -4.65 27.31 38.82
CA THR D 201 -3.30 27.10 38.32
C THR D 201 -3.32 26.08 37.19
N CYS D 202 -2.62 26.36 36.10
CA CYS D 202 -2.39 25.36 35.06
C CYS D 202 -1.04 24.70 35.30
N ASN D 203 -1.01 23.38 35.21
CA ASN D 203 0.19 22.57 35.34
C ASN D 203 0.52 22.02 33.97
N VAL D 204 1.74 22.31 33.50
CA VAL D 204 2.18 21.95 32.16
C VAL D 204 3.39 21.05 32.28
N ALA D 205 3.28 19.84 31.76
CA ALA D 205 4.38 18.90 31.72
C ALA D 205 4.83 18.70 30.27
N HIS D 206 6.14 18.77 30.05
CA HIS D 206 6.78 18.47 28.77
C HIS D 206 7.91 17.50 29.09
N PRO D 207 7.64 16.20 29.04
CA PRO D 207 8.65 15.23 29.49
C PRO D 207 9.93 15.22 28.67
N ALA D 208 9.85 15.49 27.36
CA ALA D 208 11.03 15.41 26.52
C ALA D 208 12.12 16.37 26.96
N SER D 209 11.74 17.54 27.48
CA SER D 209 12.69 18.45 28.10
C SER D 209 12.71 18.33 29.62
N SER D 210 11.93 17.40 30.18
CA SER D 210 11.81 17.22 31.63
C SER D 210 11.37 18.51 32.31
N THR D 211 10.34 19.14 31.74
CA THR D 211 9.85 20.42 32.21
C THR D 211 8.51 20.25 32.91
N LYS D 212 8.38 20.82 34.11
CA LYS D 212 7.11 20.89 34.81
C LYS D 212 6.95 22.31 35.32
N VAL D 213 5.88 22.98 34.88
CA VAL D 213 5.69 24.40 35.15
C VAL D 213 4.26 24.61 35.67
N ASP D 214 4.13 25.36 36.76
CA ASP D 214 2.82 25.75 37.28
C ASP D 214 2.65 27.25 37.11
N LYS D 215 1.56 27.65 36.46
CA LYS D 215 1.26 29.06 36.26
C LYS D 215 -0.07 29.38 36.94
N LYS D 216 -0.03 30.28 37.92
CA LYS D 216 -1.23 30.77 38.57
C LYS D 216 -1.86 31.88 37.74
N ILE D 217 -3.18 31.85 37.64
CA ILE D 217 -3.93 32.85 36.88
C ILE D 217 -4.28 33.99 37.84
N VAL D 218 -3.71 35.16 37.59
CA VAL D 218 -3.93 36.35 38.40
C VAL D 218 -4.85 37.30 37.63
N PRO D 219 -5.84 37.91 38.28
CA PRO D 219 -6.71 38.84 37.56
C PRO D 219 -5.92 40.01 37.00
N ARG D 220 -6.30 40.43 35.79
CA ARG D 220 -5.56 41.46 35.07
C ARG D 220 -5.54 42.77 35.86
N ASP D 221 -4.37 43.41 35.87
CA ASP D 221 -4.04 44.61 36.66
C ASP D 221 -5.10 45.10 37.65
N SER E 1 -4.49 8.26 -13.67
CA SER E 1 -4.74 8.03 -12.25
C SER E 1 -6.21 8.19 -11.92
N ILE E 2 -6.84 7.11 -11.47
CA ILE E 2 -8.27 7.10 -11.16
C ILE E 2 -8.48 7.83 -9.85
N VAL E 3 -9.46 8.74 -9.83
CA VAL E 3 -9.80 9.50 -8.64
C VAL E 3 -11.10 8.94 -8.06
N MET E 4 -11.07 8.70 -6.76
CA MET E 4 -12.27 8.16 -6.06
C MET E 4 -12.92 9.31 -5.28
N THR E 5 -14.15 9.69 -5.63
CA THR E 5 -14.80 10.80 -4.89
C THR E 5 -15.77 10.23 -3.86
N GLN E 6 -15.45 10.34 -2.58
CA GLN E 6 -16.32 9.87 -1.48
C GLN E 6 -17.30 11.02 -1.20
N THR E 7 -18.58 10.82 -1.57
CA THR E 7 -19.69 11.82 -1.50
C THR E 7 -19.73 12.61 -0.19
N PRO E 8 -20.34 12.10 0.90
CA PRO E 8 -20.44 12.84 2.16
C PRO E 8 -19.12 12.90 2.94
N LYS E 9 -18.70 14.11 3.32
CA LYS E 9 -17.44 14.24 4.11
C LYS E 9 -17.77 13.93 5.58
N PHE E 10 -18.94 14.35 6.04
CA PHE E 10 -19.35 14.07 7.43
C PHE E 10 -20.83 13.76 7.43
N LEU E 11 -21.26 13.03 8.45
CA LEU E 11 -22.67 12.63 8.61
C LEU E 11 -22.99 12.72 10.09
N LEU E 12 -24.01 13.50 10.43
CA LEU E 12 -24.48 13.62 11.82
C LEU E 12 -25.54 12.53 11.96
N VAL E 13 -25.31 11.54 12.80
CA VAL E 13 -26.20 10.40 12.87
C VAL E 13 -26.64 10.20 14.31
N SER E 14 -27.84 9.67 14.47
CA SER E 14 -28.34 9.17 15.75
C SER E 14 -28.42 7.65 15.67
N ALA E 15 -28.26 7.00 16.83
CA ALA E 15 -28.31 5.54 16.86
C ALA E 15 -29.65 5.06 16.32
N GLY E 16 -29.61 4.24 15.28
CA GLY E 16 -30.79 3.56 14.77
C GLY E 16 -31.14 3.83 13.32
N ASP E 17 -30.55 4.81 12.66
CA ASP E 17 -30.96 5.14 11.30
C ASP E 17 -29.92 4.65 10.29
N ARG E 18 -30.34 4.60 9.03
CA ARG E 18 -29.48 4.14 7.95
C ARG E 18 -28.53 5.24 7.53
N VAL E 19 -27.27 4.88 7.29
CA VAL E 19 -26.32 5.78 6.64
C VAL E 19 -25.93 5.19 5.29
N THR E 20 -25.77 6.09 4.32
CA THR E 20 -25.42 5.74 2.95
C THR E 20 -24.27 6.63 2.51
N ILE E 21 -23.13 6.02 2.21
CA ILE E 21 -21.95 6.71 1.72
C ILE E 21 -21.76 6.32 0.25
N THR E 22 -21.45 7.31 -0.58
CA THR E 22 -21.28 7.10 -2.01
C THR E 22 -19.81 7.28 -2.37
N CYS E 23 -19.37 6.50 -3.36
CA CYS E 23 -18.01 6.62 -3.88
C CYS E 23 -18.07 6.49 -5.40
N LYS E 24 -17.64 7.54 -6.10
CA LYS E 24 -17.69 7.58 -7.56
C LYS E 24 -16.26 7.63 -8.11
N ALA E 25 -15.96 6.72 -9.02
CA ALA E 25 -14.65 6.66 -9.65
C ALA E 25 -14.63 7.54 -10.90
N SER E 26 -13.46 8.12 -11.18
CA SER E 26 -13.32 8.96 -12.35
C SER E 26 -13.40 8.12 -13.64
N GLN E 27 -12.83 6.92 -13.62
CA GLN E 27 -12.93 5.98 -14.73
C GLN E 27 -13.55 4.69 -14.22
N THR E 28 -13.99 3.85 -15.15
CA THR E 28 -14.57 2.56 -14.78
C THR E 28 -13.54 1.75 -14.01
N VAL E 29 -14.01 1.03 -13.00
CA VAL E 29 -13.11 0.41 -12.03
C VAL E 29 -13.60 -1.01 -11.74
N SER E 30 -14.58 -1.47 -12.51
CA SER E 30 -15.14 -2.82 -12.43
C SER E 30 -15.73 -3.01 -11.03
N ASN E 31 -15.48 -4.12 -10.36
CA ASN E 31 -15.96 -4.35 -9.00
C ASN E 31 -14.83 -4.29 -7.98
N ASP E 32 -13.73 -3.64 -8.32
CA ASP E 32 -12.52 -3.68 -7.50
C ASP E 32 -12.51 -2.49 -6.54
N VAL E 33 -13.48 -2.52 -5.62
CA VAL E 33 -13.68 -1.46 -4.64
C VAL E 33 -13.71 -2.09 -3.26
N THR E 34 -13.10 -1.39 -2.29
CA THR E 34 -12.95 -1.85 -0.92
C THR E 34 -13.39 -0.75 0.03
N TRP E 35 -13.97 -1.15 1.15
CA TRP E 35 -14.42 -0.24 2.19
C TRP E 35 -13.75 -0.59 3.52
N TYR E 36 -13.16 0.44 4.14
CA TYR E 36 -12.47 0.35 5.42
C TYR E 36 -13.16 1.22 6.46
N GLN E 37 -12.92 0.87 7.72
CA GLN E 37 -13.33 1.67 8.88
C GLN E 37 -12.11 1.96 9.75
N GLN E 38 -12.02 3.20 10.22
CA GLN E 38 -10.87 3.64 11.02
C GLN E 38 -11.36 4.44 12.22
N LYS E 39 -10.89 4.05 13.41
CA LYS E 39 -11.04 4.67 14.71
C LYS E 39 -9.75 5.38 15.09
N PRO E 40 -9.84 6.47 15.87
CA PRO E 40 -8.62 7.24 16.20
C PRO E 40 -7.56 6.38 16.86
N GLY E 41 -6.32 6.55 16.40
CA GLY E 41 -5.19 5.83 16.94
C GLY E 41 -4.97 4.45 16.38
N GLN E 42 -5.78 4.02 15.42
CA GLN E 42 -5.70 2.67 14.87
C GLN E 42 -5.52 2.74 13.36
N SER E 43 -5.12 1.61 12.80
CA SER E 43 -5.02 1.45 11.36
C SER E 43 -6.40 1.19 10.77
N PRO E 44 -6.56 1.39 9.45
CA PRO E 44 -7.84 1.05 8.83
C PRO E 44 -8.17 -0.42 8.98
N LYS E 45 -9.45 -0.72 9.17
CA LYS E 45 -9.95 -2.08 9.31
C LYS E 45 -10.78 -2.43 8.09
N LEU E 46 -10.47 -3.57 7.48
CA LEU E 46 -11.18 -3.99 6.28
C LEU E 46 -12.63 -4.36 6.61
N LEU E 47 -13.56 -3.81 5.84
CA LEU E 47 -14.98 -4.12 5.98
C LEU E 47 -15.53 -4.84 4.76
N ILE E 48 -15.43 -4.22 3.59
CA ILE E 48 -15.98 -4.79 2.36
C ILE E 48 -14.87 -4.87 1.32
N TYR E 49 -14.88 -5.93 0.51
CA TYR E 49 -13.99 -6.03 -0.63
C TYR E 49 -14.75 -6.66 -1.79
N TYR E 50 -14.23 -6.45 -3.00
CA TYR E 50 -14.94 -6.81 -4.23
C TYR E 50 -16.32 -6.17 -4.27
N ALA E 51 -16.39 -4.91 -3.86
CA ALA E 51 -17.59 -4.07 -3.92
C ALA E 51 -18.68 -4.49 -2.95
N SER E 52 -18.90 -5.81 -2.77
CA SER E 52 -20.03 -6.25 -1.99
C SER E 52 -19.75 -7.43 -1.06
N ASN E 53 -18.53 -7.97 -1.03
CA ASN E 53 -18.23 -9.12 -0.19
C ASN E 53 -17.79 -8.65 1.19
N ARG E 54 -18.44 -9.18 2.23
CA ARG E 54 -18.12 -8.83 3.61
C ARG E 54 -16.91 -9.62 4.10
N TYR E 55 -15.97 -8.92 4.71
CA TYR E 55 -14.82 -9.59 5.32
C TYR E 55 -15.28 -10.40 6.53
N THR E 56 -14.44 -11.37 6.91
CA THR E 56 -14.75 -12.24 8.03
C THR E 56 -14.93 -11.44 9.31
N GLY E 57 -16.07 -11.64 9.97
CA GLY E 57 -16.36 -10.98 11.23
C GLY E 57 -17.02 -9.62 11.12
N VAL E 58 -17.35 -9.17 9.92
CA VAL E 58 -18.01 -7.87 9.74
C VAL E 58 -19.51 -8.08 9.89
N PRO E 59 -20.18 -7.32 10.76
CA PRO E 59 -21.61 -7.59 11.05
C PRO E 59 -22.49 -7.31 9.84
N ASP E 60 -23.74 -7.79 9.97
CA ASP E 60 -24.70 -7.71 8.87
C ASP E 60 -25.16 -6.29 8.56
N ARG E 61 -25.01 -5.35 9.51
CA ARG E 61 -25.44 -3.98 9.27
C ARG E 61 -24.70 -3.36 8.09
N PHE E 62 -23.42 -3.66 7.94
CA PHE E 62 -22.62 -3.10 6.86
C PHE E 62 -22.91 -3.82 5.55
N THR E 63 -23.00 -3.05 4.47
CA THR E 63 -23.35 -3.59 3.16
C THR E 63 -22.70 -2.74 2.08
N GLY E 64 -22.13 -3.40 1.08
CA GLY E 64 -21.55 -2.72 -0.06
C GLY E 64 -22.25 -3.12 -1.34
N SER E 65 -22.33 -2.18 -2.28
CA SER E 65 -22.95 -2.47 -3.57
C SER E 65 -22.36 -1.54 -4.62
N GLY E 66 -22.55 -1.92 -5.88
CA GLY E 66 -22.10 -1.10 -6.99
C GLY E 66 -21.17 -1.79 -7.96
N TYR E 67 -21.10 -1.26 -9.18
CA TYR E 67 -20.21 -1.80 -10.20
C TYR E 67 -19.91 -0.71 -11.21
N GLY E 68 -18.65 -0.62 -11.61
CA GLY E 68 -18.24 0.32 -12.63
C GLY E 68 -17.74 1.65 -12.09
N THR E 69 -18.66 2.52 -11.72
CA THR E 69 -18.28 3.87 -11.30
C THR E 69 -18.93 4.30 -9.99
N ASP E 70 -20.21 3.96 -9.79
CA ASP E 70 -20.94 4.39 -8.60
C ASP E 70 -21.02 3.24 -7.60
N PHE E 71 -20.56 3.48 -6.37
CA PHE E 71 -20.57 2.47 -5.33
C PHE E 71 -21.18 3.04 -4.06
N THR E 72 -21.76 2.16 -3.26
CA THR E 72 -22.56 2.54 -2.10
C THR E 72 -22.18 1.67 -0.91
N PHE E 73 -22.02 2.31 0.24
CA PHE E 73 -21.75 1.66 1.52
C PHE E 73 -22.86 2.04 2.48
N THR E 74 -23.58 1.05 2.99
CA THR E 74 -24.75 1.27 3.83
C THR E 74 -24.52 0.66 5.21
N ILE E 75 -24.94 1.39 6.24
CA ILE E 75 -25.12 0.83 7.58
C ILE E 75 -26.60 0.89 7.88
N ASN E 76 -27.20 -0.29 8.09
CA ASN E 76 -28.65 -0.42 8.16
C ASN E 76 -29.20 0.08 9.50
N THR E 77 -28.54 -0.27 10.60
CA THR E 77 -28.88 0.27 11.92
C THR E 77 -27.58 0.68 12.60
N VAL E 78 -27.33 1.99 12.64
CA VAL E 78 -26.08 2.49 13.19
C VAL E 78 -26.07 2.30 14.70
N GLN E 79 -24.98 1.72 15.20
CA GLN E 79 -24.75 1.58 16.63
C GLN E 79 -23.62 2.51 17.05
N ALA E 80 -23.55 2.76 18.36
CA ALA E 80 -22.58 3.73 18.87
C ALA E 80 -21.15 3.34 18.56
N GLU E 81 -20.88 2.03 18.46
CA GLU E 81 -19.53 1.57 18.11
C GLU E 81 -19.17 1.83 16.66
N ASP E 82 -20.13 2.27 15.83
CA ASP E 82 -19.87 2.54 14.42
C ASP E 82 -19.41 3.97 14.16
N LEU E 83 -19.33 4.81 15.19
CA LEU E 83 -18.80 6.16 15.03
C LEU E 83 -17.32 6.07 14.68
N ALA E 84 -16.96 6.41 13.45
CA ALA E 84 -15.60 6.27 12.94
C ALA E 84 -15.53 6.99 11.60
N VAL E 85 -14.41 6.83 10.90
CA VAL E 85 -14.24 7.32 9.54
C VAL E 85 -14.26 6.12 8.61
N TYR E 86 -14.90 6.28 7.45
CA TYR E 86 -15.03 5.20 6.48
C TYR E 86 -14.43 5.61 5.16
N PHE E 87 -13.71 4.68 4.53
CA PHE E 87 -12.94 4.96 3.32
C PHE E 87 -13.29 3.96 2.22
N CYS E 88 -13.41 4.45 0.99
CA CYS E 88 -13.39 3.58 -0.18
C CYS E 88 -11.99 3.58 -0.81
N GLN E 89 -11.70 2.51 -1.55
CA GLN E 89 -10.42 2.36 -2.22
C GLN E 89 -10.60 1.51 -3.46
N GLN E 90 -10.04 1.93 -4.57
CA GLN E 90 -10.09 1.15 -5.80
C GLN E 90 -8.81 0.34 -5.96
N ASP E 91 -8.95 -0.85 -6.54
CA ASP E 91 -7.86 -1.78 -6.77
C ASP E 91 -7.55 -1.94 -8.26
N TYR E 92 -8.34 -1.30 -9.14
CA TYR E 92 -8.23 -1.55 -10.58
C TYR E 92 -6.82 -1.28 -11.09
N SER E 93 -6.28 -0.11 -10.79
CA SER E 93 -5.02 0.30 -11.39
C SER E 93 -4.23 1.17 -10.41
N SER E 94 -2.91 1.18 -10.60
CA SER E 94 -2.04 1.98 -9.75
C SER E 94 -2.38 3.46 -9.90
N PRO E 95 -2.31 4.24 -8.81
CA PRO E 95 -1.84 3.90 -7.47
C PRO E 95 -2.92 3.49 -6.46
N PHE E 96 -4.00 2.83 -6.90
CA PHE E 96 -4.99 2.25 -5.99
C PHE E 96 -5.51 3.28 -5.00
N THR E 97 -6.16 4.31 -5.53
CA THR E 97 -6.45 5.51 -4.78
C THR E 97 -7.54 5.29 -3.74
N PHE E 98 -7.42 6.00 -2.63
CA PHE E 98 -8.39 5.99 -1.54
C PHE E 98 -9.33 7.19 -1.66
N GLY E 99 -10.56 7.00 -1.18
CA GLY E 99 -11.45 8.11 -1.00
C GLY E 99 -11.00 9.02 0.13
N SER E 100 -11.54 10.24 0.14
CA SER E 100 -11.18 11.21 1.17
C SER E 100 -11.71 10.81 2.54
N GLY E 101 -12.76 10.01 2.61
CA GLY E 101 -13.28 9.52 3.86
C GLY E 101 -14.55 10.24 4.29
N THR E 102 -15.33 9.53 5.11
CA THR E 102 -16.57 10.06 5.68
C THR E 102 -16.53 9.85 7.18
N LYS E 103 -16.60 10.95 7.93
CA LYS E 103 -16.57 10.89 9.39
C LYS E 103 -17.99 10.88 9.93
N LEU E 104 -18.35 9.83 10.67
CA LEU E 104 -19.63 9.74 11.34
C LEU E 104 -19.52 10.39 12.72
N GLU E 105 -20.42 11.31 13.02
CA GLU E 105 -20.41 12.01 14.30
C GLU E 105 -21.80 11.98 14.92
N LYS E 106 -21.84 12.15 16.24
CA LYS E 106 -23.08 12.06 16.99
C LYS E 106 -23.93 13.31 16.79
N LYS E 107 -25.21 13.11 16.54
CA LYS E 107 -26.13 14.21 16.31
C LYS E 107 -26.66 14.75 17.64
N ARG E 108 -26.81 16.07 17.72
CA ARG E 108 -27.42 16.72 18.87
C ARG E 108 -28.03 18.04 18.40
N ALA E 109 -28.60 18.79 19.35
CA ALA E 109 -29.22 20.05 19.04
C ALA E 109 -28.19 21.16 18.84
N ASP E 110 -28.51 22.10 17.96
CA ASP E 110 -27.64 23.24 17.73
C ASP E 110 -27.36 23.98 19.03
N ALA E 111 -26.14 24.54 19.12
CA ALA E 111 -25.74 25.26 20.32
C ALA E 111 -24.78 26.37 19.93
N ALA E 112 -25.03 27.57 20.44
CA ALA E 112 -24.17 28.70 20.16
C ALA E 112 -22.87 28.61 20.96
N PRO E 113 -21.77 29.13 20.42
CA PRO E 113 -20.51 29.13 21.18
C PRO E 113 -20.51 30.17 22.27
N THR E 114 -19.82 29.86 23.35
CA THR E 114 -19.51 30.84 24.39
C THR E 114 -18.10 31.36 24.12
N VAL E 115 -17.98 32.66 23.88
CA VAL E 115 -16.76 33.28 23.40
C VAL E 115 -16.09 34.06 24.51
N SER E 116 -14.77 33.94 24.60
CA SER E 116 -13.98 34.68 25.58
C SER E 116 -12.70 35.18 24.91
N ILE E 117 -12.30 36.40 25.22
CA ILE E 117 -11.08 36.98 24.66
C ILE E 117 -10.12 37.29 25.80
N PHE E 118 -8.84 37.12 25.52
CA PHE E 118 -7.77 37.25 26.51
C PHE E 118 -6.62 38.06 25.93
N PRO E 119 -6.24 39.15 26.60
CA PRO E 119 -5.12 39.97 26.13
C PRO E 119 -3.80 39.29 26.44
N PRO E 120 -2.70 39.78 25.86
CA PRO E 120 -1.38 39.21 26.18
C PRO E 120 -1.04 39.38 27.65
N SER E 121 -0.35 38.38 28.19
CA SER E 121 0.07 38.41 29.58
C SER E 121 1.30 39.30 29.75
N SER E 122 1.54 39.70 31.01
CA SER E 122 2.71 40.52 31.31
C SER E 122 4.00 39.79 30.98
N GLU E 123 4.04 38.47 31.21
CA GLU E 123 5.25 37.71 30.99
C GLU E 123 5.62 37.66 29.50
N GLN E 124 4.64 37.39 28.64
CA GLN E 124 4.92 37.35 27.21
C GLN E 124 5.35 38.72 26.70
N LEU E 125 4.68 39.79 27.16
CA LEU E 125 5.08 41.14 26.79
C LEU E 125 6.51 41.41 27.23
N THR E 126 6.91 40.90 28.39
CA THR E 126 8.29 41.02 28.83
C THR E 126 9.23 40.27 27.89
N SER E 127 8.78 39.13 27.37
CA SER E 127 9.61 38.37 26.43
C SER E 127 9.75 39.05 25.08
N GLY E 128 8.80 39.91 24.69
CA GLY E 128 8.88 40.62 23.44
C GLY E 128 7.77 40.32 22.45
N GLY E 129 6.91 39.35 22.75
CA GLY E 129 5.79 39.01 21.89
C GLY E 129 4.46 39.42 22.52
N ALA E 130 3.39 39.22 21.75
CA ALA E 130 2.06 39.52 22.25
C ALA E 130 1.05 38.65 21.51
N SER E 131 0.40 37.74 22.23
CA SER E 131 -0.64 36.90 21.66
C SER E 131 -1.98 37.23 22.30
N VAL E 132 -2.99 37.48 21.47
CA VAL E 132 -4.37 37.61 21.90
C VAL E 132 -5.07 36.29 21.62
N VAL E 133 -5.82 35.79 22.59
CA VAL E 133 -6.42 34.47 22.47
C VAL E 133 -7.94 34.60 22.53
N CYS E 134 -8.63 33.79 21.76
CA CYS E 134 -10.09 33.77 21.72
C CYS E 134 -10.54 32.31 21.81
N PHE E 135 -11.31 31.99 22.84
CA PHE E 135 -11.89 30.66 23.02
C PHE E 135 -13.36 30.69 22.61
N LEU E 136 -13.77 29.67 21.87
CA LEU E 136 -15.14 29.53 21.36
C LEU E 136 -15.59 28.14 21.80
N ASN E 137 -16.33 28.07 22.90
CA ASN E 137 -16.53 26.81 23.61
C ASN E 137 -17.95 26.28 23.45
N ASN E 138 -18.02 24.97 23.22
CA ASN E 138 -19.24 24.16 23.35
C ASN E 138 -20.33 24.62 22.38
N PHE E 139 -20.00 24.57 21.09
CA PHE E 139 -20.94 24.90 20.03
C PHE E 139 -21.22 23.67 19.17
N TYR E 140 -22.30 23.76 18.40
CA TYR E 140 -22.74 22.69 17.51
C TYR E 140 -23.64 23.28 16.43
N PRO E 141 -23.44 22.91 15.14
CA PRO E 141 -22.45 21.96 14.60
C PRO E 141 -21.03 22.52 14.54
N LYS E 142 -20.12 21.81 13.86
CA LYS E 142 -18.71 22.11 13.95
C LYS E 142 -18.33 23.34 13.12
N ASP E 143 -19.09 23.66 12.08
CA ASP E 143 -18.70 24.73 11.17
C ASP E 143 -18.83 26.08 11.87
N ILE E 144 -17.75 26.86 11.83
CA ILE E 144 -17.67 28.12 12.55
C ILE E 144 -16.59 28.97 11.90
N ASN E 145 -16.77 30.28 11.93
CA ASN E 145 -15.82 31.22 11.36
CA ASN E 145 -15.82 31.23 11.35
C ASN E 145 -15.39 32.23 12.40
N VAL E 146 -14.09 32.54 12.42
CA VAL E 146 -13.53 33.50 13.37
C VAL E 146 -12.82 34.59 12.59
N LYS E 147 -13.23 35.83 12.80
CA LYS E 147 -12.59 36.99 12.19
C LYS E 147 -11.90 37.81 13.26
N TRP E 148 -10.67 38.21 13.01
CA TRP E 148 -9.93 39.07 13.92
C TRP E 148 -9.92 40.50 13.40
N LYS E 149 -10.05 41.47 14.31
CA LYS E 149 -9.98 42.87 13.96
C LYS E 149 -9.04 43.60 14.92
N ILE E 150 -8.19 44.45 14.33
CA ILE E 150 -7.33 45.37 15.06
C ILE E 150 -7.76 46.78 14.67
N ASP E 151 -8.16 47.57 15.67
CA ASP E 151 -8.65 48.94 15.45
C ASP E 151 -9.73 48.99 14.37
N GLY E 152 -10.58 47.97 14.35
CA GLY E 152 -11.69 47.92 13.43
C GLY E 152 -11.37 47.35 12.06
N SER E 153 -10.13 46.95 11.79
CA SER E 153 -9.73 46.45 10.49
C SER E 153 -9.39 44.98 10.57
N GLU E 154 -9.83 44.22 9.55
CA GLU E 154 -9.65 42.77 9.56
C GLU E 154 -8.16 42.40 9.51
N ARG E 155 -7.82 41.32 10.19
CA ARG E 155 -6.46 40.84 10.30
C ARG E 155 -6.43 39.34 10.06
N GLN E 156 -5.59 38.90 9.13
CA GLN E 156 -5.49 37.49 8.77
C GLN E 156 -4.13 36.87 9.09
N ASN E 157 -3.04 37.65 9.00
CA ASN E 157 -1.72 37.10 9.21
C ASN E 157 -1.41 36.97 10.71
N GLY E 158 -0.73 35.88 11.05
CA GLY E 158 -0.43 35.61 12.44
C GLY E 158 -1.54 34.94 13.21
N VAL E 159 -2.53 34.39 12.53
CA VAL E 159 -3.68 33.75 13.16
C VAL E 159 -3.51 32.25 13.07
N LEU E 160 -3.55 31.57 14.21
CA LEU E 160 -3.50 30.11 14.27
C LEU E 160 -4.75 29.60 14.98
N ASN E 161 -5.45 28.66 14.35
CA ASN E 161 -6.66 28.08 14.90
C ASN E 161 -6.45 26.62 15.23
N SER E 162 -7.23 26.13 16.18
CA SER E 162 -7.19 24.73 16.59
C SER E 162 -8.58 24.32 17.03
N TRP E 163 -9.00 23.12 16.62
CA TRP E 163 -10.34 22.61 16.91
C TRP E 163 -10.24 21.29 17.66
N THR E 164 -11.11 21.13 18.66
CA THR E 164 -11.23 19.84 19.33
C THR E 164 -12.10 18.90 18.51
N ASP E 165 -12.01 17.61 18.83
CA ASP E 165 -12.98 16.65 18.33
C ASP E 165 -14.28 16.75 19.12
N GLN E 166 -15.29 16.02 18.66
CA GLN E 166 -16.59 16.04 19.31
C GLN E 166 -16.47 15.64 20.77
N ASP E 167 -16.97 16.51 21.66
CA ASP E 167 -16.97 16.24 23.08
C ASP E 167 -17.71 14.94 23.39
N SER E 168 -17.13 14.13 24.28
CA SER E 168 -17.73 12.84 24.61
C SER E 168 -18.93 12.97 25.55
N LYS E 169 -19.06 14.07 26.27
CA LYS E 169 -20.17 14.23 27.21
C LYS E 169 -21.37 14.96 26.60
N ASP E 170 -21.16 16.15 26.03
CA ASP E 170 -22.26 16.93 25.48
C ASP E 170 -22.26 17.00 23.96
N SER E 171 -21.35 16.28 23.29
CA SER E 171 -21.33 16.16 21.83
C SER E 171 -21.13 17.49 21.12
N THR E 172 -20.50 18.47 21.78
CA THR E 172 -20.25 19.76 21.18
C THR E 172 -18.81 19.85 20.69
N TYR E 173 -18.47 21.00 20.10
CA TYR E 173 -17.15 21.28 19.59
C TYR E 173 -16.62 22.57 20.22
N SER E 174 -15.29 22.69 20.26
CA SER E 174 -14.64 23.87 20.81
C SER E 174 -13.49 24.28 19.90
N MET E 175 -13.14 25.56 19.97
CA MET E 175 -12.15 26.13 19.06
C MET E 175 -11.32 27.18 19.80
N SER E 176 -10.04 27.23 19.49
CA SER E 176 -9.14 28.26 19.99
C SER E 176 -8.52 28.99 18.81
N SER E 177 -8.53 30.33 18.86
CA SER E 177 -7.94 31.16 17.81
C SER E 177 -6.95 32.12 18.47
N THR E 178 -5.70 32.10 18.02
CA THR E 178 -4.64 32.90 18.62
C THR E 178 -4.07 33.82 17.55
N LEU E 179 -4.08 35.13 17.84
CA LEU E 179 -3.48 36.14 16.99
C LEU E 179 -2.16 36.59 17.62
N THR E 180 -1.05 36.37 16.93
CA THR E 180 0.27 36.69 17.47
C THR E 180 0.85 37.90 16.73
N LEU E 181 1.44 38.81 17.50
CA LEU E 181 2.08 40.01 16.98
C LEU E 181 3.35 40.27 17.77
N THR E 182 4.18 41.15 17.22
CA THR E 182 5.26 41.75 17.98
C THR E 182 4.69 42.67 19.05
N LYS E 183 5.49 42.90 20.09
CA LYS E 183 5.06 43.79 21.17
C LYS E 183 4.84 45.20 20.65
N ASP E 184 5.73 45.70 19.80
CA ASP E 184 5.63 47.09 19.33
C ASP E 184 4.37 47.31 18.51
N GLU E 185 4.06 46.38 17.59
CA GLU E 185 2.83 46.49 16.83
C GLU E 185 1.61 46.46 17.75
N TYR E 186 1.65 45.57 18.76
CA TYR E 186 0.54 45.50 19.71
C TYR E 186 0.34 46.82 20.43
N GLU E 187 1.43 47.46 20.85
CA GLU E 187 1.33 48.73 21.57
C GLU E 187 1.02 49.90 20.65
N ARG E 188 1.11 49.73 19.32
CA ARG E 188 0.70 50.80 18.42
C ARG E 188 -0.81 50.83 18.17
N HIS E 189 -1.58 49.91 18.75
CA HIS E 189 -3.01 49.84 18.48
C HIS E 189 -3.77 49.60 19.77
N ASN E 190 -5.09 49.81 19.72
CA ASN E 190 -5.92 49.86 20.93
C ASN E 190 -6.98 48.77 20.98
N SER E 191 -7.81 48.65 19.95
CA SER E 191 -8.96 47.76 19.99
C SER E 191 -8.61 46.40 19.39
N TYR E 192 -8.94 45.33 20.12
CA TYR E 192 -8.68 43.97 19.64
C TYR E 192 -9.97 43.17 19.76
N THR E 193 -10.42 42.58 18.64
CA THR E 193 -11.73 41.97 18.54
C THR E 193 -11.66 40.62 17.86
N CYS E 194 -12.35 39.62 18.41
CA CYS E 194 -12.66 38.39 17.68
C CYS E 194 -14.17 38.29 17.50
N GLU E 195 -14.59 37.98 16.28
CA GLU E 195 -15.99 37.84 15.91
C GLU E 195 -16.25 36.40 15.47
N ALA E 196 -17.27 35.80 16.05
CA ALA E 196 -17.64 34.41 15.81
C ALA E 196 -18.90 34.36 14.97
N THR E 197 -18.83 33.66 13.84
CA THR E 197 -19.95 33.48 12.93
C THR E 197 -20.34 32.01 12.94
N HIS E 198 -21.57 31.74 13.35
CA HIS E 198 -22.06 30.38 13.54
C HIS E 198 -23.54 30.32 13.14
N LYS E 199 -23.97 29.10 12.76
CA LYS E 199 -25.33 28.90 12.26
C LYS E 199 -26.40 29.36 13.26
N THR E 200 -26.07 29.38 14.55
CA THR E 200 -27.07 29.64 15.57
C THR E 200 -27.55 31.10 15.60
N SER E 201 -26.89 32.01 14.89
CA SER E 201 -27.32 33.40 14.91
C SER E 201 -26.91 34.08 13.61
N THR E 202 -27.78 34.97 13.11
CA THR E 202 -27.48 35.73 11.91
C THR E 202 -26.43 36.81 12.17
N SER E 203 -26.25 37.21 13.43
CA SER E 203 -25.26 38.22 13.78
C SER E 203 -24.11 37.58 14.55
N PRO E 204 -22.87 37.99 14.29
CA PRO E 204 -21.73 37.36 14.95
C PRO E 204 -21.67 37.73 16.43
N ILE E 205 -21.06 36.83 17.21
CA ILE E 205 -20.75 37.13 18.60
C ILE E 205 -19.42 37.85 18.63
N VAL E 206 -19.43 39.10 19.09
CA VAL E 206 -18.26 39.97 19.06
C VAL E 206 -17.72 40.10 20.48
N LYS E 207 -16.47 39.73 20.68
CA LYS E 207 -15.79 39.94 21.94
C LYS E 207 -14.54 40.77 21.69
N SER E 208 -14.29 41.76 22.55
CA SER E 208 -13.21 42.69 22.31
C SER E 208 -12.68 43.23 23.62
N PHE E 209 -11.52 43.89 23.53
CA PHE E 209 -10.98 44.63 24.65
C PHE E 209 -10.13 45.77 24.12
N ASN E 210 -9.92 46.76 24.99
CA ASN E 210 -9.08 47.91 24.71
C ASN E 210 -7.82 47.84 25.57
N ARG E 211 -6.67 48.13 24.95
CA ARG E 211 -5.46 48.35 25.74
C ARG E 211 -5.65 49.54 26.67
N ASN E 212 -6.37 50.57 26.19
CA ASN E 212 -6.79 51.69 27.03
C ASN E 212 -7.36 51.21 28.35
N GLU E 213 -8.17 50.15 28.31
CA GLU E 213 -8.97 49.60 29.42
C GLU E 213 -10.20 50.45 29.64
C1 NAG F . 6.59 19.07 -1.17
C2 NAG F . 5.68 19.42 -2.33
C3 NAG F . 6.47 20.18 -3.40
C4 NAG F . 7.17 21.39 -2.78
C5 NAG F . 7.97 20.97 -1.55
C6 NAG F . 8.56 22.15 -0.80
C7 NAG F . 3.75 18.01 -2.90
C8 NAG F . 3.29 16.73 -3.53
N2 NAG F . 5.07 18.23 -2.90
O3 NAG F . 5.60 20.59 -4.44
O4 NAG F . 8.05 21.97 -3.73
O5 NAG F . 7.14 20.27 -0.61
O6 NAG F . 7.91 23.37 -1.17
O7 NAG F . 2.97 18.81 -2.39
#